data_4XW1
# 
_entry.id   4XW1 
# 
_audit_conform.dict_name       mmcif_pdbx.dic 
_audit_conform.dict_version    5.383 
_audit_conform.dict_location   http://mmcif.pdb.org/dictionaries/ascii/mmcif_pdbx.dic 
# 
loop_
_database_2.database_id 
_database_2.database_code 
_database_2.pdbx_database_accession 
_database_2.pdbx_DOI 
PDB   4XW1         pdb_00004xw1 10.2210/pdb4xw1/pdb 
WWPDB D_1000204238 ?            ?                   
# 
loop_
_pdbx_audit_revision_history.ordinal 
_pdbx_audit_revision_history.data_content_type 
_pdbx_audit_revision_history.major_revision 
_pdbx_audit_revision_history.minor_revision 
_pdbx_audit_revision_history.revision_date 
1 'Structure model' 1 0 2016-01-13 
2 'Structure model' 2 0 2024-01-10 
# 
_pdbx_audit_revision_details.ordinal             1 
_pdbx_audit_revision_details.revision_ordinal    1 
_pdbx_audit_revision_details.data_content_type   'Structure model' 
_pdbx_audit_revision_details.provider            repository 
_pdbx_audit_revision_details.type                'Initial release' 
_pdbx_audit_revision_details.description         ? 
_pdbx_audit_revision_details.details             ? 
# 
loop_
_pdbx_audit_revision_group.ordinal 
_pdbx_audit_revision_group.revision_ordinal 
_pdbx_audit_revision_group.data_content_type 
_pdbx_audit_revision_group.group 
1 2 'Structure model' 'Atomic model'           
2 2 'Structure model' 'Data collection'        
3 2 'Structure model' 'Database references'    
4 2 'Structure model' 'Refinement description' 
# 
loop_
_pdbx_audit_revision_category.ordinal 
_pdbx_audit_revision_category.revision_ordinal 
_pdbx_audit_revision_category.data_content_type 
_pdbx_audit_revision_category.category 
1 2 'Structure model' atom_site                     
2 2 'Structure model' chem_comp_atom                
3 2 'Structure model' chem_comp_bond                
4 2 'Structure model' database_2                    
5 2 'Structure model' pdbx_initial_refinement_model 
# 
loop_
_pdbx_audit_revision_item.ordinal 
_pdbx_audit_revision_item.revision_ordinal 
_pdbx_audit_revision_item.data_content_type 
_pdbx_audit_revision_item.item 
1 2 'Structure model' '_atom_site.occupancy'                
2 2 'Structure model' '_database_2.pdbx_DOI'                
3 2 'Structure model' '_database_2.pdbx_database_accession' 
# 
_pdbx_database_status.status_code                     REL 
_pdbx_database_status.status_code_sf                  REL 
_pdbx_database_status.status_code_mr                  ? 
_pdbx_database_status.entry_id                        4XW1 
_pdbx_database_status.recvd_initial_deposition_date   2015-01-28 
_pdbx_database_status.SG_entry                        N 
_pdbx_database_status.deposit_site                    RCSB 
_pdbx_database_status.process_site                    PDBE 
_pdbx_database_status.status_code_cs                  ? 
_pdbx_database_status.methods_development_category    ? 
_pdbx_database_status.pdb_format_compatible           Y 
_pdbx_database_status.status_code_nmr_data            ? 
# 
_pdbx_database_related.db_name        PDB 
_pdbx_database_related.details        'The longer RNA duplex containing CCUG repeats' 
_pdbx_database_related.db_id          4XW0 
_pdbx_database_related.content_type   unspecified 
# 
loop_
_audit_author.name 
_audit_author.pdbx_ordinal 
'Kiliszek, A.'   1 
'Banaszak, K.'   2 
'Rypniewski, W.' 3 
# 
_citation.abstract                  ? 
_citation.abstract_id_CAS           ? 
_citation.book_id_ISBN              ? 
_citation.book_publisher            ? 
_citation.book_publisher_city       ? 
_citation.book_title                ? 
_citation.coordinate_linkage        ? 
_citation.country                   UK 
_citation.database_id_Medline       ? 
_citation.details                   ? 
_citation.id                        primary 
_citation.journal_abbrev            Rna 
_citation.journal_id_ASTM           RNARFU 
_citation.journal_id_CSD            2122 
_citation.journal_id_ISSN           1469-9001 
_citation.journal_full              ? 
_citation.journal_issue             ? 
_citation.journal_volume            22 
_citation.language                  ? 
_citation.page_first                22 
_citation.page_last                 31 
_citation.title                     'Watson-Crick-like pairs in CCUG repeats: evidence for tautomeric shifts or protonation.' 
_citation.year                      2016 
_citation.database_id_CSD           ? 
_citation.pdbx_database_id_DOI      10.1261/rna.052399.115 
_citation.pdbx_database_id_PubMed   26543073 
_citation.unpublished_flag          ? 
# 
loop_
_citation_author.citation_id 
_citation_author.name 
_citation_author.ordinal 
_citation_author.identifier_ORCID 
primary 'Rypniewski, W.' 1 ? 
primary 'Banaszak, K.'   2 ? 
primary 'Kulinski, T.'   3 ? 
primary 'Kiliszek, A.'   4 ? 
# 
loop_
_entity.id 
_entity.type 
_entity.src_method 
_entity.pdbx_description 
_entity.formula_weight 
_entity.pdbx_number_of_molecules 
_entity.pdbx_ec 
_entity.pdbx_mutation 
_entity.pdbx_fragment 
_entity.details 
1 polymer syn 
;RNA (5'-R(*GP*CP*CP*UP*(LCG)P*CP*CP*UP*G)-3')
;
2835.729 1 ? ? ? ? 
2 water   nat water                                           18.015   8 ? ? ? ? 
# 
_entity_poly.entity_id                      1 
_entity_poly.type                           polyribonucleotide 
_entity_poly.nstd_linkage                   no 
_entity_poly.nstd_monomer                   yes 
_entity_poly.pdbx_seq_one_letter_code       'GCCU(LCG)CCUG' 
_entity_poly.pdbx_seq_one_letter_code_can   GCCUGCCUG 
_entity_poly.pdbx_strand_id                 C 
_entity_poly.pdbx_target_identifier         ? 
# 
_pdbx_entity_nonpoly.entity_id   2 
_pdbx_entity_nonpoly.name        water 
_pdbx_entity_nonpoly.comp_id     HOH 
# 
loop_
_entity_poly_seq.entity_id 
_entity_poly_seq.num 
_entity_poly_seq.mon_id 
_entity_poly_seq.hetero 
1 1 G   n 
1 2 C   n 
1 3 C   n 
1 4 U   n 
1 5 LCG n 
1 6 C   n 
1 7 C   n 
1 8 U   n 
1 9 G   n 
# 
_pdbx_entity_src_syn.entity_id              1 
_pdbx_entity_src_syn.pdbx_src_id            1 
_pdbx_entity_src_syn.pdbx_alt_source_flag   sample 
_pdbx_entity_src_syn.pdbx_beg_seq_num       1 
_pdbx_entity_src_syn.pdbx_end_seq_num       9 
_pdbx_entity_src_syn.organism_scientific    'Homo sapiens' 
_pdbx_entity_src_syn.organism_common_name   ? 
_pdbx_entity_src_syn.ncbi_taxonomy_id       9606 
_pdbx_entity_src_syn.details                ? 
# 
loop_
_chem_comp.id 
_chem_comp.type 
_chem_comp.mon_nstd_flag 
_chem_comp.name 
_chem_comp.pdbx_synonyms 
_chem_comp.formula 
_chem_comp.formula_weight 
C   'RNA linking' y "CYTIDINE-5'-MONOPHOSPHATE"                                                                             ? 
'C9 H14 N3 O8 P'  323.197 
G   'RNA linking' y "GUANOSINE-5'-MONOPHOSPHATE"                                                                            ? 
'C10 H14 N5 O8 P' 363.221 
HOH non-polymer   . WATER                                                                                                   ? 
'H2 O'            18.015  
LCG 'RNA linking' n '[(1R,3R,4R,7S)-7-HYDROXY-3-(GUANIN-9-YL)-2,5-DIOXABICYCLO[2.2.1]HEPT-1-YL]METHYL DIHYDROGEN PHOSPHATE' ? 
'C11 H14 N5 O8 P' 375.231 
U   'RNA linking' y "URIDINE-5'-MONOPHOSPHATE"                                                                              ? 
'C9 H13 N2 O9 P'  324.181 
# 
loop_
_pdbx_poly_seq_scheme.asym_id 
_pdbx_poly_seq_scheme.entity_id 
_pdbx_poly_seq_scheme.seq_id 
_pdbx_poly_seq_scheme.mon_id 
_pdbx_poly_seq_scheme.ndb_seq_num 
_pdbx_poly_seq_scheme.pdb_seq_num 
_pdbx_poly_seq_scheme.auth_seq_num 
_pdbx_poly_seq_scheme.pdb_mon_id 
_pdbx_poly_seq_scheme.auth_mon_id 
_pdbx_poly_seq_scheme.pdb_strand_id 
_pdbx_poly_seq_scheme.pdb_ins_code 
_pdbx_poly_seq_scheme.hetero 
A 1 1 G   1 1 1 G   G   C . n 
A 1 2 C   2 2 2 C   C   C . n 
A 1 3 C   3 3 3 C   C   C . n 
A 1 4 U   4 4 4 U   U   C . n 
A 1 5 LCG 5 5 5 LCG LCG C . n 
A 1 6 C   6 6 6 C   C   C . n 
A 1 7 C   7 7 7 C   C   C . n 
A 1 8 U   8 8 8 U   U   C . n 
A 1 9 G   9 9 9 G   G   C . n 
# 
loop_
_pdbx_nonpoly_scheme.asym_id 
_pdbx_nonpoly_scheme.entity_id 
_pdbx_nonpoly_scheme.mon_id 
_pdbx_nonpoly_scheme.ndb_seq_num 
_pdbx_nonpoly_scheme.pdb_seq_num 
_pdbx_nonpoly_scheme.auth_seq_num 
_pdbx_nonpoly_scheme.pdb_mon_id 
_pdbx_nonpoly_scheme.auth_mon_id 
_pdbx_nonpoly_scheme.pdb_strand_id 
_pdbx_nonpoly_scheme.pdb_ins_code 
B 2 HOH 1 101 8 HOH HOH C . 
B 2 HOH 2 102 1 HOH HOH C . 
B 2 HOH 3 103 5 HOH HOH C . 
B 2 HOH 4 104 9 HOH HOH C . 
B 2 HOH 5 105 2 HOH HOH C . 
B 2 HOH 6 106 6 HOH HOH C . 
B 2 HOH 7 107 3 HOH HOH C . 
B 2 HOH 8 108 7 HOH HOH C . 
# 
loop_
_software.citation_id 
_software.classification 
_software.compiler_name 
_software.compiler_version 
_software.contact_author 
_software.contact_author_email 
_software.date 
_software.description 
_software.dependencies 
_software.hardware 
_software.language 
_software.location 
_software.mods 
_software.name 
_software.os 
_software.os_version 
_software.type 
_software.version 
_software.pdbx_ordinal 
? refinement       ? ? ? ? ? ? ? ? ? ? ? PHENIX ? ? ? '(phenix.refine: 1.8.2_1309)' 1 
? 'data reduction' ? ? ? ? ? ? ? ? ? ? ? XDS    ? ? ? .                             2 
? 'data scaling'   ? ? ? ? ? ? ? ? ? ? ? XDS    ? ? ? .                             3 
? phasing          ? ? ? ? ? ? ? ? ? ? ? PHASER ? ? ? .                             4 
# 
_cell.angle_alpha                  90.00 
_cell.angle_alpha_esd              ? 
_cell.angle_beta                   90.00 
_cell.angle_beta_esd               ? 
_cell.angle_gamma                  90.00 
_cell.angle_gamma_esd              ? 
_cell.entry_id                     4XW1 
_cell.details                      ? 
_cell.formula_units_Z              ? 
_cell.length_a                     26.031 
_cell.length_a_esd                 ? 
_cell.length_b                     26.031 
_cell.length_b_esd                 ? 
_cell.length_c                     80.854 
_cell.length_c_esd                 ? 
_cell.volume                       ? 
_cell.volume_esd                   ? 
_cell.Z_PDB                        8 
_cell.reciprocal_angle_alpha       ? 
_cell.reciprocal_angle_beta        ? 
_cell.reciprocal_angle_gamma       ? 
_cell.reciprocal_angle_alpha_esd   ? 
_cell.reciprocal_angle_beta_esd    ? 
_cell.reciprocal_angle_gamma_esd   ? 
_cell.reciprocal_length_a          ? 
_cell.reciprocal_length_b          ? 
_cell.reciprocal_length_c          ? 
_cell.reciprocal_length_a_esd      ? 
_cell.reciprocal_length_b_esd      ? 
_cell.reciprocal_length_c_esd      ? 
_cell.pdbx_unique_axis             ? 
# 
_symmetry.entry_id                         4XW1 
_symmetry.cell_setting                     ? 
_symmetry.Int_Tables_number                95 
_symmetry.space_group_name_Hall            ? 
_symmetry.space_group_name_H-M             'P 43 2 2' 
_symmetry.pdbx_full_space_group_name_H-M   ? 
# 
_exptl.absorpt_coefficient_mu     ? 
_exptl.absorpt_correction_T_max   ? 
_exptl.absorpt_correction_T_min   ? 
_exptl.absorpt_correction_type    ? 
_exptl.absorpt_process_details    ? 
_exptl.entry_id                   4XW1 
_exptl.crystals_number            ? 
_exptl.details                    ? 
_exptl.method                     'X-RAY DIFFRACTION' 
_exptl.method_details             ? 
# 
_exptl_crystal.colour                      ? 
_exptl_crystal.density_diffrn              ? 
_exptl_crystal.density_Matthews            2.42 
_exptl_crystal.density_method              ? 
_exptl_crystal.density_percent_sol         49.07 
_exptl_crystal.description                 ? 
_exptl_crystal.F_000                       ? 
_exptl_crystal.id                          1 
_exptl_crystal.preparation                 ? 
_exptl_crystal.size_max                    ? 
_exptl_crystal.size_mid                    ? 
_exptl_crystal.size_min                    ? 
_exptl_crystal.size_rad                    ? 
_exptl_crystal.colour_lustre               ? 
_exptl_crystal.colour_modifier             ? 
_exptl_crystal.colour_primary              ? 
_exptl_crystal.density_meas                ? 
_exptl_crystal.density_meas_esd            ? 
_exptl_crystal.density_meas_gt             ? 
_exptl_crystal.density_meas_lt             ? 
_exptl_crystal.density_meas_temp           ? 
_exptl_crystal.density_meas_temp_esd       ? 
_exptl_crystal.density_meas_temp_gt        ? 
_exptl_crystal.density_meas_temp_lt        ? 
_exptl_crystal.pdbx_crystal_image_url      ? 
_exptl_crystal.pdbx_crystal_image_format   ? 
_exptl_crystal.pdbx_mosaicity              ? 
_exptl_crystal.pdbx_mosaicity_esd          ? 
# 
_exptl_crystal_grow.apparatus       ? 
_exptl_crystal_grow.atmosphere      ? 
_exptl_crystal_grow.crystal_id      1 
_exptl_crystal_grow.details         ? 
_exptl_crystal_grow.method          'VAPOR DIFFUSION, SITTING DROP' 
_exptl_crystal_grow.method_ref      ? 
_exptl_crystal_grow.pH              6.5 
_exptl_crystal_grow.pressure        ? 
_exptl_crystal_grow.pressure_esd    ? 
_exptl_crystal_grow.seeding         ? 
_exptl_crystal_grow.seeding_ref     ? 
_exptl_crystal_grow.temp            292 
_exptl_crystal_grow.temp_details    ? 
_exptl_crystal_grow.temp_esd        ? 
_exptl_crystal_grow.time            ? 
_exptl_crystal_grow.pdbx_details    '10 mM magnesium acetate, sodium cacodylate and 1.3 M Li2SO4.' 
_exptl_crystal_grow.pdbx_pH_range   ? 
# 
_diffrn.ambient_environment    ? 
_diffrn.ambient_temp           100 
_diffrn.ambient_temp_details   ? 
_diffrn.ambient_temp_esd       ? 
_diffrn.crystal_id             1 
_diffrn.crystal_support        ? 
_diffrn.crystal_treatment      ? 
_diffrn.details                ? 
_diffrn.id                     1 
_diffrn.ambient_pressure       ? 
_diffrn.ambient_pressure_esd   ? 
_diffrn.ambient_pressure_gt    ? 
_diffrn.ambient_pressure_lt    ? 
_diffrn.ambient_temp_gt        ? 
_diffrn.ambient_temp_lt        ? 
# 
_diffrn_detector.details                      ? 
_diffrn_detector.detector                     CCD 
_diffrn_detector.diffrn_id                    1 
_diffrn_detector.type                         'MAR CCD 165 mm' 
_diffrn_detector.area_resol_mean              ? 
_diffrn_detector.dtime                        ? 
_diffrn_detector.pdbx_frames_total            ? 
_diffrn_detector.pdbx_collection_time_total   ? 
_diffrn_detector.pdbx_collection_date         2013-07-27 
# 
_diffrn_radiation.collimation                      ? 
_diffrn_radiation.diffrn_id                        1 
_diffrn_radiation.filter_edge                      ? 
_diffrn_radiation.inhomogeneity                    ? 
_diffrn_radiation.monochromator                    ? 
_diffrn_radiation.polarisn_norm                    ? 
_diffrn_radiation.polarisn_ratio                   ? 
_diffrn_radiation.probe                            ? 
_diffrn_radiation.type                             ? 
_diffrn_radiation.xray_symbol                      ? 
_diffrn_radiation.wavelength_id                    1 
_diffrn_radiation.pdbx_monochromatic_or_laue_m_l   M 
_diffrn_radiation.pdbx_wavelength_list             ? 
_diffrn_radiation.pdbx_wavelength                  ? 
_diffrn_radiation.pdbx_diffrn_protocol             'SINGLE WAVELENGTH' 
_diffrn_radiation.pdbx_analyzer                    ? 
_diffrn_radiation.pdbx_scattering_type             x-ray 
# 
_diffrn_radiation_wavelength.id           1 
_diffrn_radiation_wavelength.wavelength   0.9184 
_diffrn_radiation_wavelength.wt           1.0 
# 
_diffrn_source.current                     ? 
_diffrn_source.details                     ? 
_diffrn_source.diffrn_id                   1 
_diffrn_source.power                       ? 
_diffrn_source.size                        ? 
_diffrn_source.source                      SYNCHROTRON 
_diffrn_source.target                      ? 
_diffrn_source.type                        'BESSY BEAMLINE 14.2' 
_diffrn_source.voltage                     ? 
_diffrn_source.take-off_angle              ? 
_diffrn_source.pdbx_wavelength_list        0.9184 
_diffrn_source.pdbx_wavelength             ? 
_diffrn_source.pdbx_synchrotron_beamline   14.2 
_diffrn_source.pdbx_synchrotron_site       BESSY 
# 
_reflns.B_iso_Wilson_estimate            ? 
_reflns.entry_id                         4XW1 
_reflns.data_reduction_details           ? 
_reflns.data_reduction_method            ? 
_reflns.d_resolution_high                2.3 
_reflns.d_resolution_low                 20.0 
_reflns.details                          ? 
_reflns.limit_h_max                      ? 
_reflns.limit_h_min                      ? 
_reflns.limit_k_max                      ? 
_reflns.limit_k_min                      ? 
_reflns.limit_l_max                      ? 
_reflns.limit_l_min                      ? 
_reflns.number_all                       ? 
_reflns.number_obs                       1458 
_reflns.observed_criterion               ? 
_reflns.observed_criterion_F_max         ? 
_reflns.observed_criterion_F_min         ? 
_reflns.observed_criterion_I_max         ? 
_reflns.observed_criterion_I_min         ? 
_reflns.observed_criterion_sigma_F       ? 
_reflns.observed_criterion_sigma_I       ? 
_reflns.percent_possible_obs             97.6 
_reflns.R_free_details                   ? 
_reflns.Rmerge_F_all                     ? 
_reflns.Rmerge_F_obs                     ? 
_reflns.Friedel_coverage                 ? 
_reflns.number_gt                        ? 
_reflns.threshold_expression             ? 
_reflns.pdbx_redundancy                  10.3 
_reflns.pdbx_Rmerge_I_obs                0.051 
_reflns.pdbx_Rmerge_I_all                ? 
_reflns.pdbx_Rsym_value                  ? 
_reflns.pdbx_netI_over_av_sigmaI         ? 
_reflns.pdbx_netI_over_sigmaI            34.9 
_reflns.pdbx_res_netI_over_av_sigmaI_2   ? 
_reflns.pdbx_res_netI_over_sigmaI_2      ? 
_reflns.pdbx_chi_squared                 ? 
_reflns.pdbx_scaling_rejects             ? 
_reflns.pdbx_d_res_high_opt              ? 
_reflns.pdbx_d_res_low_opt               ? 
_reflns.pdbx_d_res_opt_method            ? 
_reflns.phase_calculation_details        ? 
_reflns.pdbx_Rrim_I_all                  ? 
_reflns.pdbx_Rpim_I_all                  ? 
_reflns.pdbx_d_opt                       ? 
_reflns.pdbx_number_measured_all         ? 
_reflns.pdbx_diffrn_id                   1 
_reflns.pdbx_ordinal                     1 
_reflns.pdbx_CC_half                     ? 
_reflns.pdbx_R_split                     ? 
# 
_reflns_shell.d_res_high                  2.3 
_reflns_shell.d_res_low                   2.44 
_reflns_shell.meanI_over_sigI_all         ? 
_reflns_shell.meanI_over_sigI_obs         2.55 
_reflns_shell.number_measured_all         ? 
_reflns_shell.number_measured_obs         ? 
_reflns_shell.number_possible             ? 
_reflns_shell.number_unique_all           ? 
_reflns_shell.number_unique_obs           ? 
_reflns_shell.percent_possible_all        85.5 
_reflns_shell.percent_possible_obs        ? 
_reflns_shell.Rmerge_F_all                ? 
_reflns_shell.Rmerge_F_obs                ? 
_reflns_shell.Rmerge_I_all                ? 
_reflns_shell.Rmerge_I_obs                0.657 
_reflns_shell.meanI_over_sigI_gt          ? 
_reflns_shell.meanI_over_uI_all           ? 
_reflns_shell.meanI_over_uI_gt            ? 
_reflns_shell.number_measured_gt          ? 
_reflns_shell.number_unique_gt            ? 
_reflns_shell.percent_possible_gt         ? 
_reflns_shell.Rmerge_F_gt                 ? 
_reflns_shell.Rmerge_I_gt                 ? 
_reflns_shell.pdbx_redundancy             5.5 
_reflns_shell.pdbx_Rsym_value             ? 
_reflns_shell.pdbx_chi_squared            ? 
_reflns_shell.pdbx_netI_over_sigmaI_all   ? 
_reflns_shell.pdbx_netI_over_sigmaI_obs   ? 
_reflns_shell.pdbx_Rrim_I_all             ? 
_reflns_shell.pdbx_Rpim_I_all             ? 
_reflns_shell.pdbx_rejects                ? 
_reflns_shell.pdbx_ordinal                1 
_reflns_shell.pdbx_diffrn_id              1 
_reflns_shell.pdbx_CC_half                ? 
_reflns_shell.pdbx_R_split                ? 
# 
_refine.aniso_B[1][1]                            ? 
_refine.aniso_B[1][2]                            ? 
_refine.aniso_B[1][3]                            ? 
_refine.aniso_B[2][2]                            ? 
_refine.aniso_B[2][3]                            ? 
_refine.aniso_B[3][3]                            ? 
_refine.B_iso_max                                ? 
_refine.B_iso_mean                               ? 
_refine.B_iso_min                                ? 
_refine.correlation_coeff_Fo_to_Fc               ? 
_refine.correlation_coeff_Fo_to_Fc_free          ? 
_refine.details                                  ? 
_refine.diff_density_max                         ? 
_refine.diff_density_max_esd                     ? 
_refine.diff_density_min                         ? 
_refine.diff_density_min_esd                     ? 
_refine.diff_density_rms                         ? 
_refine.diff_density_rms_esd                     ? 
_refine.entry_id                                 4XW1 
_refine.pdbx_refine_id                           'X-RAY DIFFRACTION' 
_refine.ls_abs_structure_details                 ? 
_refine.ls_abs_structure_Flack                   ? 
_refine.ls_abs_structure_Flack_esd               ? 
_refine.ls_abs_structure_Rogers                  ? 
_refine.ls_abs_structure_Rogers_esd              ? 
_refine.ls_d_res_high                            2.302 
_refine.ls_d_res_low                             20.0 
_refine.ls_extinction_coef                       ? 
_refine.ls_extinction_coef_esd                   ? 
_refine.ls_extinction_expression                 ? 
_refine.ls_extinction_method                     ? 
_refine.ls_goodness_of_fit_all                   ? 
_refine.ls_goodness_of_fit_all_esd               ? 
_refine.ls_goodness_of_fit_obs                   ? 
_refine.ls_goodness_of_fit_obs_esd               ? 
_refine.ls_hydrogen_treatment                    ? 
_refine.ls_matrix_type                           ? 
_refine.ls_number_constraints                    ? 
_refine.ls_number_parameters                     ? 
_refine.ls_number_reflns_all                     ? 
_refine.ls_number_reflns_obs                     1414 
_refine.ls_number_reflns_R_free                  1414 
_refine.ls_number_reflns_R_work                  ? 
_refine.ls_number_restraints                     ? 
_refine.ls_percent_reflns_obs                    96.98 
_refine.ls_percent_reflns_R_free                 100.00 
_refine.ls_R_factor_all                          ? 
_refine.ls_R_factor_obs                          0.1910 
_refine.ls_R_factor_R_free                       0.1910 
_refine.ls_R_factor_R_free_error                 ? 
_refine.ls_R_factor_R_free_error_details         ? 
_refine.ls_R_factor_R_work                       0.1910 
_refine.ls_R_Fsqd_factor_obs                     ? 
_refine.ls_R_I_factor_obs                        ? 
_refine.ls_redundancy_reflns_all                 ? 
_refine.ls_redundancy_reflns_obs                 ? 
_refine.ls_restrained_S_all                      ? 
_refine.ls_restrained_S_obs                      ? 
_refine.ls_shift_over_esd_max                    ? 
_refine.ls_shift_over_esd_mean                   ? 
_refine.ls_structure_factor_coef                 ? 
_refine.ls_weighting_details                     ? 
_refine.ls_weighting_scheme                      ? 
_refine.ls_wR_factor_all                         ? 
_refine.ls_wR_factor_obs                         ? 
_refine.ls_wR_factor_R_free                      ? 
_refine.ls_wR_factor_R_work                      ? 
_refine.occupancy_max                            ? 
_refine.occupancy_min                            ? 
_refine.solvent_model_details                    'FLAT BULK SOLVENT MODEL' 
_refine.solvent_model_param_bsol                 ? 
_refine.solvent_model_param_ksol                 ? 
_refine.ls_R_factor_gt                           ? 
_refine.ls_goodness_of_fit_gt                    ? 
_refine.ls_goodness_of_fit_ref                   ? 
_refine.ls_shift_over_su_max                     ? 
_refine.ls_shift_over_su_max_lt                  ? 
_refine.ls_shift_over_su_mean                    ? 
_refine.ls_shift_over_su_mean_lt                 ? 
_refine.pdbx_ls_sigma_I                          ? 
_refine.pdbx_ls_sigma_F                          1.36 
_refine.pdbx_ls_sigma_Fsqd                       ? 
_refine.pdbx_data_cutoff_high_absF               ? 
_refine.pdbx_data_cutoff_high_rms_absF           ? 
_refine.pdbx_data_cutoff_low_absF                ? 
_refine.pdbx_isotropic_thermal_model             ? 
_refine.pdbx_ls_cross_valid_method               NONE 
_refine.pdbx_method_to_determine_struct          'MOLECULAR REPLACEMENT' 
_refine.pdbx_starting_model                      3GLP 
_refine.pdbx_stereochemistry_target_values       ML 
_refine.pdbx_R_Free_selection_details            ? 
_refine.pdbx_stereochem_target_val_spec_case     ? 
_refine.pdbx_overall_ESU_R                       ? 
_refine.pdbx_overall_ESU_R_Free                  ? 
_refine.pdbx_solvent_vdw_probe_radii             1.11 
_refine.pdbx_solvent_ion_probe_radii             ? 
_refine.pdbx_solvent_shrinkage_radii             0.90 
_refine.pdbx_real_space_R                        ? 
_refine.pdbx_density_correlation                 ? 
_refine.pdbx_pd_number_of_powder_patterns        ? 
_refine.pdbx_pd_number_of_points                 ? 
_refine.pdbx_pd_meas_number_of_points            ? 
_refine.pdbx_pd_proc_ls_prof_R_factor            ? 
_refine.pdbx_pd_proc_ls_prof_wR_factor           ? 
_refine.pdbx_pd_Marquardt_correlation_coeff      ? 
_refine.pdbx_pd_Fsqrd_R_factor                   ? 
_refine.pdbx_pd_ls_matrix_band_width             ? 
_refine.pdbx_overall_phase_error                 21.49 
_refine.pdbx_overall_SU_R_free_Cruickshank_DPI   ? 
_refine.pdbx_overall_SU_R_free_Blow_DPI          ? 
_refine.pdbx_overall_SU_R_Blow_DPI               ? 
_refine.pdbx_TLS_residual_ADP_flag               ? 
_refine.pdbx_diffrn_id                           1 
_refine.overall_SU_B                             ? 
_refine.overall_SU_ML                            0.18 
_refine.overall_SU_R_Cruickshank_DPI             ? 
_refine.overall_SU_R_free                        ? 
_refine.overall_FOM_free_R_set                   ? 
_refine.overall_FOM_work_R_set                   ? 
_refine.pdbx_average_fsc_overall                 ? 
_refine.pdbx_average_fsc_work                    ? 
_refine.pdbx_average_fsc_free                    ? 
# 
_refine_hist.pdbx_refine_id                   'X-RAY DIFFRACTION' 
_refine_hist.cycle_id                         LAST 
_refine_hist.pdbx_number_atoms_protein        0 
_refine_hist.pdbx_number_atoms_nucleic_acid   187 
_refine_hist.pdbx_number_atoms_ligand         0 
_refine_hist.number_atoms_solvent             8 
_refine_hist.number_atoms_total               195 
_refine_hist.d_res_high                       2.302 
_refine_hist.d_res_low                        20.0 
# 
loop_
_refine_ls_restr.pdbx_refine_id 
_refine_ls_restr.criterion 
_refine_ls_restr.dev_ideal 
_refine_ls_restr.dev_ideal_target 
_refine_ls_restr.number 
_refine_ls_restr.rejects 
_refine_ls_restr.type 
_refine_ls_restr.weight 
_refine_ls_restr.pdbx_restraint_function 
'X-RAY DIFFRACTION' ? 0.007  ? 208 ? f_bond_d           ? ? 
'X-RAY DIFFRACTION' ? 1.783  ? 322 ? f_angle_d          ? ? 
'X-RAY DIFFRACTION' ? 12.473 ? 99  ? f_dihedral_angle_d ? ? 
'X-RAY DIFFRACTION' ? 0.069  ? 43  ? f_chiral_restr     ? ? 
'X-RAY DIFFRACTION' ? 0.010  ? 9   ? f_plane_restr      ? ? 
# 
loop_
_refine_ls_shell.pdbx_refine_id 
_refine_ls_shell.d_res_high 
_refine_ls_shell.d_res_low 
_refine_ls_shell.number_reflns_all 
_refine_ls_shell.number_reflns_obs 
_refine_ls_shell.number_reflns_R_free 
_refine_ls_shell.number_reflns_R_work 
_refine_ls_shell.percent_reflns_obs 
_refine_ls_shell.percent_reflns_R_free 
_refine_ls_shell.R_factor_all 
_refine_ls_shell.R_factor_obs 
_refine_ls_shell.R_factor_R_free 
_refine_ls_shell.R_factor_R_free_error 
_refine_ls_shell.R_factor_R_work 
_refine_ls_shell.redundancy_reflns_all 
_refine_ls_shell.redundancy_reflns_obs 
_refine_ls_shell.wR_factor_all 
_refine_ls_shell.wR_factor_obs 
_refine_ls_shell.wR_factor_R_free 
_refine_ls_shell.wR_factor_R_work 
_refine_ls_shell.pdbx_total_number_of_bins_used 
_refine_ls_shell.pdbx_phase_error 
_refine_ls_shell.pdbx_fsc_work 
_refine_ls_shell.pdbx_fsc_free 
'X-RAY DIFFRACTION' 2.3023 2.3846  . . 110 110 80.00  . . . 0.2601 . 0.2601 . . . . . . . . . . 
'X-RAY DIFFRACTION' 2.3846 2.4800  . . 128 128 96.00  . . . 0.2437 . 0.2437 . . . . . . . . . . 
'X-RAY DIFFRACTION' 2.4800 2.5928  . . 142 142 99.00  . . . 0.2532 . 0.2532 . . . . . . . . . . 
'X-RAY DIFFRACTION' 2.5928 2.7293  . . 133 133 99.00  . . . 0.3011 . 0.3011 . . . . . . . . . . 
'X-RAY DIFFRACTION' 2.7293 2.9001  . . 147 147 99.00  . . . 0.2879 . 0.2879 . . . . . . . . . . 
'X-RAY DIFFRACTION' 2.9001 3.1237  . . 139 139 99.00  . . . 0.2736 . 0.2736 . . . . . . . . . . 
'X-RAY DIFFRACTION' 3.1237 3.4374  . . 140 140 97.00  . . . 0.1901 . 0.1901 . . . . . . . . . . 
'X-RAY DIFFRACTION' 3.4374 3.9333  . . 143 143 100.00 . . . 0.1825 . 0.1825 . . . . . . . . . . 
'X-RAY DIFFRACTION' 3.9333 4.9500  . . 154 154 99.00  . . . 0.1262 . 0.1262 . . . . . . . . . . 
'X-RAY DIFFRACTION' 4.9500 26.0327 . . 178 178 99.00  . . . 0.1565 . 0.1565 . . . . . . . . . . 
# 
_struct.entry_id                     4XW1 
_struct.title                        'Crystal structure of (GCCU(G-LNA)CCUG)2 duplex' 
_struct.pdbx_model_details           ? 
_struct.pdbx_formula_weight          ? 
_struct.pdbx_formula_weight_method   ? 
_struct.pdbx_model_type_details      ? 
_struct.pdbx_CASP_flag               ? 
# 
_struct_keywords.entry_id        4XW1 
_struct_keywords.text            
;CCUG repeats, RNA duplex, Myotonic Dystrophy type 2, tautomery, LNA residue, 3' overhanging nucleotides, RNA
;
_struct_keywords.pdbx_keywords   RNA 
# 
loop_
_struct_asym.id 
_struct_asym.pdbx_blank_PDB_chainid_flag 
_struct_asym.pdbx_modified 
_struct_asym.entity_id 
_struct_asym.details 
A N N 1 ? 
B N N 2 ? 
# 
_struct_ref.db_code                    4XW1 
_struct_ref.db_name                    PDB 
_struct_ref.details                    ? 
_struct_ref.entity_id                  1 
_struct_ref.id                         1 
_struct_ref.seq_align                  ? 
_struct_ref.seq_dif                    ? 
_struct_ref.pdbx_db_accession          4XW1 
_struct_ref.pdbx_db_isoform            ? 
_struct_ref.pdbx_seq_one_letter_code   ? 
_struct_ref.pdbx_align_begin           1 
_struct_ref.pdbx_align_end             ? 
# 
_struct_ref_seq.align_id                      1 
_struct_ref_seq.ref_id                        1 
_struct_ref_seq.pdbx_PDB_id_code              4XW1 
_struct_ref_seq.pdbx_strand_id                C 
_struct_ref_seq.seq_align_beg                 1 
_struct_ref_seq.pdbx_seq_align_beg_ins_code   ? 
_struct_ref_seq.seq_align_end                 9 
_struct_ref_seq.pdbx_seq_align_end_ins_code   ? 
_struct_ref_seq.pdbx_db_accession             4XW1 
_struct_ref_seq.db_align_beg                  1 
_struct_ref_seq.pdbx_db_align_beg_ins_code    ? 
_struct_ref_seq.db_align_end                  9 
_struct_ref_seq.pdbx_db_align_end_ins_code    ? 
_struct_ref_seq.pdbx_auth_seq_align_beg       1 
_struct_ref_seq.pdbx_auth_seq_align_end       9 
# 
_pdbx_struct_assembly.id                   1 
_pdbx_struct_assembly.details              software_defined_assembly 
_pdbx_struct_assembly.method_details       PISA 
_pdbx_struct_assembly.oligomeric_details   dimeric 
_pdbx_struct_assembly.oligomeric_count     2 
# 
loop_
_pdbx_struct_assembly_prop.biol_id 
_pdbx_struct_assembly_prop.type 
_pdbx_struct_assembly_prop.value 
_pdbx_struct_assembly_prop.details 
1 'ABSA (A^2)' 1890 ? 
1 MORE         -2   ? 
1 'SSA (A^2)'  3420 ? 
# 
_pdbx_struct_assembly_gen.assembly_id       1 
_pdbx_struct_assembly_gen.oper_expression   1,2 
_pdbx_struct_assembly_gen.asym_id_list      A,B 
# 
loop_
_pdbx_struct_oper_list.id 
_pdbx_struct_oper_list.type 
_pdbx_struct_oper_list.name 
_pdbx_struct_oper_list.symmetry_operation 
_pdbx_struct_oper_list.matrix[1][1] 
_pdbx_struct_oper_list.matrix[1][2] 
_pdbx_struct_oper_list.matrix[1][3] 
_pdbx_struct_oper_list.vector[1] 
_pdbx_struct_oper_list.matrix[2][1] 
_pdbx_struct_oper_list.matrix[2][2] 
_pdbx_struct_oper_list.matrix[2][3] 
_pdbx_struct_oper_list.vector[2] 
_pdbx_struct_oper_list.matrix[3][1] 
_pdbx_struct_oper_list.matrix[3][2] 
_pdbx_struct_oper_list.matrix[3][3] 
_pdbx_struct_oper_list.vector[3] 
1 'identity operation'         1_555 x,y,z      1.0000000000  0.0000000000 0.0000000000 0.0000000000  0.0000000000 1.0000000000 0.0000000000 0.0000000000 0.0000000000 0.0000000000 1.0000000000  0.0000000000  
2 'crystal symmetry operation' 7_555 y,x,-z+1/4 -0.5304803040 0.8462182554 0.0500530848 -3.5543220848 0.8462182554 0.5251444016 0.0902109847 1.3256213130 0.0500530848 0.0902109847 -0.9946640975 10.9295815013 
# 
loop_
_struct_conn.id 
_struct_conn.conn_type_id 
_struct_conn.pdbx_leaving_atom_flag 
_struct_conn.pdbx_PDB_id 
_struct_conn.ptnr1_label_asym_id 
_struct_conn.ptnr1_label_comp_id 
_struct_conn.ptnr1_label_seq_id 
_struct_conn.ptnr1_label_atom_id 
_struct_conn.pdbx_ptnr1_label_alt_id 
_struct_conn.pdbx_ptnr1_PDB_ins_code 
_struct_conn.pdbx_ptnr1_standard_comp_id 
_struct_conn.ptnr1_symmetry 
_struct_conn.ptnr2_label_asym_id 
_struct_conn.ptnr2_label_comp_id 
_struct_conn.ptnr2_label_seq_id 
_struct_conn.ptnr2_label_atom_id 
_struct_conn.pdbx_ptnr2_label_alt_id 
_struct_conn.pdbx_ptnr2_PDB_ins_code 
_struct_conn.ptnr1_auth_asym_id 
_struct_conn.ptnr1_auth_comp_id 
_struct_conn.ptnr1_auth_seq_id 
_struct_conn.ptnr2_auth_asym_id 
_struct_conn.ptnr2_auth_comp_id 
_struct_conn.ptnr2_auth_seq_id 
_struct_conn.ptnr2_symmetry 
_struct_conn.pdbx_ptnr3_label_atom_id 
_struct_conn.pdbx_ptnr3_label_seq_id 
_struct_conn.pdbx_ptnr3_label_comp_id 
_struct_conn.pdbx_ptnr3_label_asym_id 
_struct_conn.pdbx_ptnr3_label_alt_id 
_struct_conn.pdbx_ptnr3_PDB_ins_code 
_struct_conn.details 
_struct_conn.pdbx_dist_value 
_struct_conn.pdbx_value_order 
_struct_conn.pdbx_role 
covale1  covale both ? A U   4 "O3'" ? ? ? 1_555 A LCG 5 P  ? ? C U   4 C LCG 5 1_555 ? ? ? ? ? ? ?            1.599 ? ? 
covale2  covale both ? A LCG 5 "O3'" ? ? ? 1_555 A C   6 P  ? ? C LCG 5 C C   6 1_555 ? ? ? ? ? ? ?            1.598 ? ? 
hydrog1  hydrog ?    ? A G   1 N1    ? ? ? 1_555 A C   6 N3 ? ? C G   1 C C   6 7_555 ? ? ? ? ? ? WATSON-CRICK ?     ? ? 
hydrog2  hydrog ?    ? A G   1 N2    ? ? ? 1_555 A C   6 O2 ? ? C G   1 C C   6 7_555 ? ? ? ? ? ? WATSON-CRICK ?     ? ? 
hydrog3  hydrog ?    ? A G   1 O6    ? ? ? 1_555 A C   6 N4 ? ? C G   1 C C   6 7_555 ? ? ? ? ? ? WATSON-CRICK ?     ? ? 
hydrog4  hydrog ?    ? A C   2 N3    ? ? ? 1_555 A LCG 5 N1 ? ? C C   2 C LCG 5 7_555 ? ? ? ? ? ? WATSON-CRICK ?     ? ? 
hydrog5  hydrog ?    ? A C   2 N4    ? ? ? 1_555 A LCG 5 O6 ? ? C C   2 C LCG 5 7_555 ? ? ? ? ? ? WATSON-CRICK ?     ? ? 
hydrog6  hydrog ?    ? A C   2 O2    ? ? ? 1_555 A LCG 5 N2 ? ? C C   2 C LCG 5 7_555 ? ? ? ? ? ? WATSON-CRICK ?     ? ? 
hydrog7  hydrog ?    ? A C   3 N3    ? ? ? 1_555 A U   4 N3 ? ? C C   3 C U   4 7_555 ? ? ? ? ? ? TYPE_18_PAIR ?     ? ? 
hydrog8  hydrog ?    ? A C   3 N4    ? ? ? 1_555 A U   4 O4 ? ? C C   3 C U   4 7_555 ? ? ? ? ? ? TYPE_18_PAIR ?     ? ? 
hydrog9  hydrog ?    ? A U   4 N3    ? ? ? 1_555 A C   3 N3 ? ? C U   4 C C   3 7_555 ? ? ? ? ? ? TYPE_18_PAIR ?     ? ? 
hydrog10 hydrog ?    ? A U   4 O4    ? ? ? 1_555 A C   3 N4 ? ? C U   4 C C   3 7_555 ? ? ? ? ? ? TYPE_18_PAIR ?     ? ? 
hydrog11 hydrog ?    ? A LCG 5 N1    ? ? ? 1_555 A C   2 N3 ? ? C LCG 5 C C   2 7_555 ? ? ? ? ? ? WATSON-CRICK ?     ? ? 
hydrog12 hydrog ?    ? A LCG 5 N2    ? ? ? 1_555 A C   2 O2 ? ? C LCG 5 C C   2 7_555 ? ? ? ? ? ? WATSON-CRICK ?     ? ? 
hydrog13 hydrog ?    ? A LCG 5 O6    ? ? ? 1_555 A C   2 N4 ? ? C LCG 5 C C   2 7_555 ? ? ? ? ? ? WATSON-CRICK ?     ? ? 
hydrog14 hydrog ?    ? A C   6 N3    ? ? ? 1_555 A G   1 N1 ? ? C C   6 C G   1 7_555 ? ? ? ? ? ? WATSON-CRICK ?     ? ? 
hydrog15 hydrog ?    ? A C   6 N4    ? ? ? 1_555 A G   1 O6 ? ? C C   6 C G   1 7_555 ? ? ? ? ? ? WATSON-CRICK ?     ? ? 
hydrog16 hydrog ?    ? A C   6 O2    ? ? ? 1_555 A G   1 N2 ? ? C C   6 C G   1 7_555 ? ? ? ? ? ? WATSON-CRICK ?     ? ? 
# 
loop_
_struct_conn_type.id 
_struct_conn_type.criteria 
_struct_conn_type.reference 
covale ? ? 
hydrog ? ? 
# 
_pdbx_validate_rmsd_angle.id                         1 
_pdbx_validate_rmsd_angle.PDB_model_num              1 
_pdbx_validate_rmsd_angle.auth_atom_id_1             "O3'" 
_pdbx_validate_rmsd_angle.auth_asym_id_1             C 
_pdbx_validate_rmsd_angle.auth_comp_id_1             U 
_pdbx_validate_rmsd_angle.auth_seq_id_1              4 
_pdbx_validate_rmsd_angle.PDB_ins_code_1             ? 
_pdbx_validate_rmsd_angle.label_alt_id_1             ? 
_pdbx_validate_rmsd_angle.auth_atom_id_2             P 
_pdbx_validate_rmsd_angle.auth_asym_id_2             C 
_pdbx_validate_rmsd_angle.auth_comp_id_2             LCG 
_pdbx_validate_rmsd_angle.auth_seq_id_2              5 
_pdbx_validate_rmsd_angle.PDB_ins_code_2             ? 
_pdbx_validate_rmsd_angle.label_alt_id_2             ? 
_pdbx_validate_rmsd_angle.auth_atom_id_3             OP2 
_pdbx_validate_rmsd_angle.auth_asym_id_3             C 
_pdbx_validate_rmsd_angle.auth_comp_id_3             LCG 
_pdbx_validate_rmsd_angle.auth_seq_id_3              5 
_pdbx_validate_rmsd_angle.PDB_ins_code_3             ? 
_pdbx_validate_rmsd_angle.label_alt_id_3             ? 
_pdbx_validate_rmsd_angle.angle_value                119.68 
_pdbx_validate_rmsd_angle.angle_target_value         110.50 
_pdbx_validate_rmsd_angle.angle_deviation            9.18 
_pdbx_validate_rmsd_angle.angle_standard_deviation   1.10 
_pdbx_validate_rmsd_angle.linker_flag                Y 
# 
_pdbx_struct_special_symmetry.id              1 
_pdbx_struct_special_symmetry.PDB_model_num   1 
_pdbx_struct_special_symmetry.auth_asym_id    C 
_pdbx_struct_special_symmetry.auth_comp_id    HOH 
_pdbx_struct_special_symmetry.auth_seq_id     106 
_pdbx_struct_special_symmetry.PDB_ins_code    ? 
_pdbx_struct_special_symmetry.label_asym_id   B 
_pdbx_struct_special_symmetry.label_comp_id   HOH 
_pdbx_struct_special_symmetry.label_seq_id    . 
# 
_pdbx_refine_tls.id               1 
_pdbx_refine_tls.pdbx_refine_id   'X-RAY DIFFRACTION' 
_pdbx_refine_tls.details          ? 
_pdbx_refine_tls.method           refined 
_pdbx_refine_tls.origin_x         0.0918 
_pdbx_refine_tls.origin_y         0.0914 
_pdbx_refine_tls.origin_z         -0.2057 
_pdbx_refine_tls.T[1][1]          0.4107 
_pdbx_refine_tls.T[1][1]_esd      ? 
_pdbx_refine_tls.T[1][2]          0.0010 
_pdbx_refine_tls.T[1][2]_esd      ? 
_pdbx_refine_tls.T[1][3]          -0.0469 
_pdbx_refine_tls.T[1][3]_esd      ? 
_pdbx_refine_tls.T[2][2]          0.4529 
_pdbx_refine_tls.T[2][2]_esd      ? 
_pdbx_refine_tls.T[2][3]          -0.0467 
_pdbx_refine_tls.T[2][3]_esd      ? 
_pdbx_refine_tls.T[3][3]          0.4337 
_pdbx_refine_tls.T[3][3]_esd      ? 
_pdbx_refine_tls.L[1][1]          0.1378 
_pdbx_refine_tls.L[1][1]_esd      ? 
_pdbx_refine_tls.L[1][2]          -0.0199 
_pdbx_refine_tls.L[1][2]_esd      ? 
_pdbx_refine_tls.L[1][3]          0.0381 
_pdbx_refine_tls.L[1][3]_esd      ? 
_pdbx_refine_tls.L[2][2]          0.0260 
_pdbx_refine_tls.L[2][2]_esd      ? 
_pdbx_refine_tls.L[2][3]          -0.0177 
_pdbx_refine_tls.L[2][3]_esd      ? 
_pdbx_refine_tls.L[3][3]          0.0176 
_pdbx_refine_tls.L[3][3]_esd      ? 
_pdbx_refine_tls.S[1][1]          0.0758 
_pdbx_refine_tls.S[1][1]_esd      ? 
_pdbx_refine_tls.S[1][2]          0.2940 
_pdbx_refine_tls.S[1][2]_esd      ? 
_pdbx_refine_tls.S[1][3]          -0.4712 
_pdbx_refine_tls.S[1][3]_esd      ? 
_pdbx_refine_tls.S[2][1]          0.0703 
_pdbx_refine_tls.S[2][1]_esd      ? 
_pdbx_refine_tls.S[2][2]          -0.1362 
_pdbx_refine_tls.S[2][2]_esd      ? 
_pdbx_refine_tls.S[2][3]          0.1749 
_pdbx_refine_tls.S[2][3]_esd      ? 
_pdbx_refine_tls.S[3][1]          0.2180 
_pdbx_refine_tls.S[3][1]_esd      ? 
_pdbx_refine_tls.S[3][2]          -0.2162 
_pdbx_refine_tls.S[3][2]_esd      ? 
_pdbx_refine_tls.S[3][3]          -0.1024 
_pdbx_refine_tls.S[3][3]_esd      ? 
# 
_pdbx_refine_tls_group.id                  1 
_pdbx_refine_tls_group.pdbx_refine_id      'X-RAY DIFFRACTION' 
_pdbx_refine_tls_group.refine_tls_id       1 
_pdbx_refine_tls_group.beg_label_asym_id   ? 
_pdbx_refine_tls_group.beg_label_seq_id    ? 
_pdbx_refine_tls_group.beg_auth_asym_id    ? 
_pdbx_refine_tls_group.beg_auth_seq_id     1 
_pdbx_refine_tls_group.end_label_asym_id   ? 
_pdbx_refine_tls_group.end_label_seq_id    ? 
_pdbx_refine_tls_group.end_auth_asym_id    ? 
_pdbx_refine_tls_group.end_auth_seq_id     9 
_pdbx_refine_tls_group.selection           all 
_pdbx_refine_tls_group.selection_details   'chain B' 
# 
loop_
_chem_comp_atom.comp_id 
_chem_comp_atom.atom_id 
_chem_comp_atom.type_symbol 
_chem_comp_atom.pdbx_aromatic_flag 
_chem_comp_atom.pdbx_stereo_config 
_chem_comp_atom.pdbx_ordinal 
C   OP3    O N N 1   
C   P      P N N 2   
C   OP1    O N N 3   
C   OP2    O N N 4   
C   "O5'"  O N N 5   
C   "C5'"  C N N 6   
C   "C4'"  C N R 7   
C   "O4'"  O N N 8   
C   "C3'"  C N S 9   
C   "O3'"  O N N 10  
C   "C2'"  C N R 11  
C   "O2'"  O N N 12  
C   "C1'"  C N R 13  
C   N1     N N N 14  
C   C2     C N N 15  
C   O2     O N N 16  
C   N3     N N N 17  
C   C4     C N N 18  
C   N4     N N N 19  
C   C5     C N N 20  
C   C6     C N N 21  
C   HOP3   H N N 22  
C   HOP2   H N N 23  
C   "H5'"  H N N 24  
C   "H5''" H N N 25  
C   "H4'"  H N N 26  
C   "H3'"  H N N 27  
C   "HO3'" H N N 28  
C   "H2'"  H N N 29  
C   "HO2'" H N N 30  
C   "H1'"  H N N 31  
C   H41    H N N 32  
C   H42    H N N 33  
C   H5     H N N 34  
C   H6     H N N 35  
G   OP3    O N N 36  
G   P      P N N 37  
G   OP1    O N N 38  
G   OP2    O N N 39  
G   "O5'"  O N N 40  
G   "C5'"  C N N 41  
G   "C4'"  C N R 42  
G   "O4'"  O N N 43  
G   "C3'"  C N S 44  
G   "O3'"  O N N 45  
G   "C2'"  C N R 46  
G   "O2'"  O N N 47  
G   "C1'"  C N R 48  
G   N9     N Y N 49  
G   C8     C Y N 50  
G   N7     N Y N 51  
G   C5     C Y N 52  
G   C6     C N N 53  
G   O6     O N N 54  
G   N1     N N N 55  
G   C2     C N N 56  
G   N2     N N N 57  
G   N3     N N N 58  
G   C4     C Y N 59  
G   HOP3   H N N 60  
G   HOP2   H N N 61  
G   "H5'"  H N N 62  
G   "H5''" H N N 63  
G   "H4'"  H N N 64  
G   "H3'"  H N N 65  
G   "HO3'" H N N 66  
G   "H2'"  H N N 67  
G   "HO2'" H N N 68  
G   "H1'"  H N N 69  
G   H8     H N N 70  
G   H1     H N N 71  
G   H21    H N N 72  
G   H22    H N N 73  
HOH O      O N N 74  
HOH H1     H N N 75  
HOH H2     H N N 76  
LCG P      P N N 77  
LCG OP1    O N N 78  
LCG "O5'"  O N N 79  
LCG "C5'"  C N N 80  
LCG "C3'"  C N S 81  
LCG "C6'"  C N N 82  
LCG N9     N Y N 83  
LCG C8     C Y N 84  
LCG C4     C Y N 85  
LCG N7     N Y N 86  
LCG C5     C Y N 87  
LCG C6     C N N 88  
LCG "C2'"  C N R 89  
LCG O6     O N N 90  
LCG "C4'"  C N R 91  
LCG "C1'"  C N R 92  
LCG C2     C N N 93  
LCG N1     N N N 94  
LCG "O4'"  O N N 95  
LCG OP2    O N N 96  
LCG N2     N N N 97  
LCG N3     N N N 98  
LCG "O2'"  O N N 99  
LCG "O3'"  O N N 100 
LCG OP3    O N N 101 
LCG "H5'"  H N N 102 
LCG "H5''" H N N 103 
LCG "H3'"  H N N 104 
LCG "H6'1" H N N 105 
LCG "H6'2" H N N 106 
LCG H8     H N N 107 
LCG "H2'"  H N N 108 
LCG "H1'"  H N N 109 
LCG H1     H N N 110 
LCG HOP2   H N N 111 
LCG H21    H N N 112 
LCG H22    H N N 113 
LCG "HO3'" H N N 114 
LCG HOP3   H N N 115 
U   OP3    O N N 116 
U   P      P N N 117 
U   OP1    O N N 118 
U   OP2    O N N 119 
U   "O5'"  O N N 120 
U   "C5'"  C N N 121 
U   "C4'"  C N R 122 
U   "O4'"  O N N 123 
U   "C3'"  C N S 124 
U   "O3'"  O N N 125 
U   "C2'"  C N R 126 
U   "O2'"  O N N 127 
U   "C1'"  C N R 128 
U   N1     N N N 129 
U   C2     C N N 130 
U   O2     O N N 131 
U   N3     N N N 132 
U   C4     C N N 133 
U   O4     O N N 134 
U   C5     C N N 135 
U   C6     C N N 136 
U   HOP3   H N N 137 
U   HOP2   H N N 138 
U   "H5'"  H N N 139 
U   "H5''" H N N 140 
U   "H4'"  H N N 141 
U   "H3'"  H N N 142 
U   "HO3'" H N N 143 
U   "H2'"  H N N 144 
U   "HO2'" H N N 145 
U   "H1'"  H N N 146 
U   H3     H N N 147 
U   H5     H N N 148 
U   H6     H N N 149 
# 
loop_
_chem_comp_bond.comp_id 
_chem_comp_bond.atom_id_1 
_chem_comp_bond.atom_id_2 
_chem_comp_bond.value_order 
_chem_comp_bond.pdbx_aromatic_flag 
_chem_comp_bond.pdbx_stereo_config 
_chem_comp_bond.pdbx_ordinal 
C   OP3   P      sing N N 1   
C   OP3   HOP3   sing N N 2   
C   P     OP1    doub N N 3   
C   P     OP2    sing N N 4   
C   P     "O5'"  sing N N 5   
C   OP2   HOP2   sing N N 6   
C   "O5'" "C5'"  sing N N 7   
C   "C5'" "C4'"  sing N N 8   
C   "C5'" "H5'"  sing N N 9   
C   "C5'" "H5''" sing N N 10  
C   "C4'" "O4'"  sing N N 11  
C   "C4'" "C3'"  sing N N 12  
C   "C4'" "H4'"  sing N N 13  
C   "O4'" "C1'"  sing N N 14  
C   "C3'" "O3'"  sing N N 15  
C   "C3'" "C2'"  sing N N 16  
C   "C3'" "H3'"  sing N N 17  
C   "O3'" "HO3'" sing N N 18  
C   "C2'" "O2'"  sing N N 19  
C   "C2'" "C1'"  sing N N 20  
C   "C2'" "H2'"  sing N N 21  
C   "O2'" "HO2'" sing N N 22  
C   "C1'" N1     sing N N 23  
C   "C1'" "H1'"  sing N N 24  
C   N1    C2     sing N N 25  
C   N1    C6     sing N N 26  
C   C2    O2     doub N N 27  
C   C2    N3     sing N N 28  
C   N3    C4     doub N N 29  
C   C4    N4     sing N N 30  
C   C4    C5     sing N N 31  
C   N4    H41    sing N N 32  
C   N4    H42    sing N N 33  
C   C5    C6     doub N N 34  
C   C5    H5     sing N N 35  
C   C6    H6     sing N N 36  
G   OP3   P      sing N N 37  
G   OP3   HOP3   sing N N 38  
G   P     OP1    doub N N 39  
G   P     OP2    sing N N 40  
G   P     "O5'"  sing N N 41  
G   OP2   HOP2   sing N N 42  
G   "O5'" "C5'"  sing N N 43  
G   "C5'" "C4'"  sing N N 44  
G   "C5'" "H5'"  sing N N 45  
G   "C5'" "H5''" sing N N 46  
G   "C4'" "O4'"  sing N N 47  
G   "C4'" "C3'"  sing N N 48  
G   "C4'" "H4'"  sing N N 49  
G   "O4'" "C1'"  sing N N 50  
G   "C3'" "O3'"  sing N N 51  
G   "C3'" "C2'"  sing N N 52  
G   "C3'" "H3'"  sing N N 53  
G   "O3'" "HO3'" sing N N 54  
G   "C2'" "O2'"  sing N N 55  
G   "C2'" "C1'"  sing N N 56  
G   "C2'" "H2'"  sing N N 57  
G   "O2'" "HO2'" sing N N 58  
G   "C1'" N9     sing N N 59  
G   "C1'" "H1'"  sing N N 60  
G   N9    C8     sing Y N 61  
G   N9    C4     sing Y N 62  
G   C8    N7     doub Y N 63  
G   C8    H8     sing N N 64  
G   N7    C5     sing Y N 65  
G   C5    C6     sing N N 66  
G   C5    C4     doub Y N 67  
G   C6    O6     doub N N 68  
G   C6    N1     sing N N 69  
G   N1    C2     sing N N 70  
G   N1    H1     sing N N 71  
G   C2    N2     sing N N 72  
G   C2    N3     doub N N 73  
G   N2    H21    sing N N 74  
G   N2    H22    sing N N 75  
G   N3    C4     sing N N 76  
HOH O     H1     sing N N 77  
HOH O     H2     sing N N 78  
LCG P     OP1    doub N N 79  
LCG P     "O5'"  sing N N 80  
LCG P     OP2    sing N N 81  
LCG P     OP3    sing N N 82  
LCG "O5'" "C5'"  sing N N 83  
LCG "C5'" "C4'"  sing N N 84  
LCG "C5'" "H5'"  sing N N 85  
LCG "C5'" "H5''" sing N N 86  
LCG "C3'" "C2'"  sing N N 87  
LCG "C3'" "C4'"  sing N N 88  
LCG "C3'" "O3'"  sing N N 89  
LCG "C3'" "H3'"  sing N N 90  
LCG "C6'" "C4'"  sing N N 91  
LCG "C6'" "O2'"  sing N N 92  
LCG "C6'" "H6'1" sing N N 93  
LCG "C6'" "H6'2" sing N N 94  
LCG N9    C8     sing Y N 95  
LCG N9    C4     sing Y N 96  
LCG N9    "C1'"  sing N N 97  
LCG C8    N7     doub Y N 98  
LCG C8    H8     sing N N 99  
LCG C4    C5     doub Y N 100 
LCG C4    N3     sing N N 101 
LCG N7    C5     sing Y N 102 
LCG C5    C6     sing N N 103 
LCG C6    O6     doub N N 104 
LCG C6    N1     sing N N 105 
LCG "C2'" "C1'"  sing N N 106 
LCG "C2'" "O2'"  sing N N 107 
LCG "C2'" "H2'"  sing N N 108 
LCG "C4'" "O4'"  sing N N 109 
LCG "C1'" "O4'"  sing N N 110 
LCG "C1'" "H1'"  sing N N 111 
LCG C2    N1     sing N N 112 
LCG C2    N2     sing N N 113 
LCG C2    N3     doub N N 114 
LCG N1    H1     sing N N 115 
LCG OP2   HOP2   sing N N 116 
LCG N2    H21    sing N N 117 
LCG N2    H22    sing N N 118 
LCG "O3'" "HO3'" sing N N 119 
LCG OP3   HOP3   sing N N 120 
U   OP3   P      sing N N 121 
U   OP3   HOP3   sing N N 122 
U   P     OP1    doub N N 123 
U   P     OP2    sing N N 124 
U   P     "O5'"  sing N N 125 
U   OP2   HOP2   sing N N 126 
U   "O5'" "C5'"  sing N N 127 
U   "C5'" "C4'"  sing N N 128 
U   "C5'" "H5'"  sing N N 129 
U   "C5'" "H5''" sing N N 130 
U   "C4'" "O4'"  sing N N 131 
U   "C4'" "C3'"  sing N N 132 
U   "C4'" "H4'"  sing N N 133 
U   "O4'" "C1'"  sing N N 134 
U   "C3'" "O3'"  sing N N 135 
U   "C3'" "C2'"  sing N N 136 
U   "C3'" "H3'"  sing N N 137 
U   "O3'" "HO3'" sing N N 138 
U   "C2'" "O2'"  sing N N 139 
U   "C2'" "C1'"  sing N N 140 
U   "C2'" "H2'"  sing N N 141 
U   "O2'" "HO2'" sing N N 142 
U   "C1'" N1     sing N N 143 
U   "C1'" "H1'"  sing N N 144 
U   N1    C2     sing N N 145 
U   N1    C6     sing N N 146 
U   C2    O2     doub N N 147 
U   C2    N3     sing N N 148 
U   N3    C4     sing N N 149 
U   N3    H3     sing N N 150 
U   C4    O4     doub N N 151 
U   C4    C5     sing N N 152 
U   C5    C6     doub N N 153 
U   C5    H5     sing N N 154 
U   C6    H6     sing N N 155 
# 
loop_
_ndb_struct_conf_na.entry_id 
_ndb_struct_conf_na.feature 
4XW1 'double helix'         
4XW1 'a-form double helix'  
4XW1 'mismatched base pair' 
# 
loop_
_ndb_struct_na_base_pair.model_number 
_ndb_struct_na_base_pair.i_label_asym_id 
_ndb_struct_na_base_pair.i_label_comp_id 
_ndb_struct_na_base_pair.i_label_seq_id 
_ndb_struct_na_base_pair.i_symmetry 
_ndb_struct_na_base_pair.j_label_asym_id 
_ndb_struct_na_base_pair.j_label_comp_id 
_ndb_struct_na_base_pair.j_label_seq_id 
_ndb_struct_na_base_pair.j_symmetry 
_ndb_struct_na_base_pair.shear 
_ndb_struct_na_base_pair.stretch 
_ndb_struct_na_base_pair.stagger 
_ndb_struct_na_base_pair.buckle 
_ndb_struct_na_base_pair.propeller 
_ndb_struct_na_base_pair.opening 
_ndb_struct_na_base_pair.pair_number 
_ndb_struct_na_base_pair.pair_name 
_ndb_struct_na_base_pair.i_auth_asym_id 
_ndb_struct_na_base_pair.i_auth_seq_id 
_ndb_struct_na_base_pair.i_PDB_ins_code 
_ndb_struct_na_base_pair.j_auth_asym_id 
_ndb_struct_na_base_pair.j_auth_seq_id 
_ndb_struct_na_base_pair.j_PDB_ins_code 
_ndb_struct_na_base_pair.hbond_type_28 
_ndb_struct_na_base_pair.hbond_type_12 
1 A G   1 1_555 A C   6 7_555 -0.212 -0.062 0.020  2.450  -4.777 1.695  1 C_G1:C6_C   C 1 ? C 6 ? 19 1 
1 A C   2 1_555 A LCG 5 7_555 0.247  -0.273 -0.275 6.794  -6.354 0.145  2 C_C2:LCG5_C C 2 ? C 5 ? 19 1 
1 A C   3 1_555 A U   4 7_555 0.546  -1.723 0.413  5.756  -9.870 14.391 3 C_C3:U4_C   C 3 ? C 4 ? 18 1 
1 A U   4 1_555 A C   3 7_555 -0.546 -1.723 0.413  -5.756 -9.870 14.391 4 C_U4:C3_C   C 4 ? C 3 ? 18 1 
1 A LCG 5 1_555 A C   2 7_555 -0.247 -0.273 -0.275 -6.793 -6.354 0.145  5 C_LCG5:C2_C C 5 ? C 2 ? 19 1 
1 A C   6 1_555 A G   1 7_555 0.212  -0.062 0.020  -2.450 -4.777 1.695  6 C_C6:G1_C   C 6 ? C 1 ? 19 1 
# 
loop_
_ndb_struct_na_base_pair_step.model_number 
_ndb_struct_na_base_pair_step.i_label_asym_id_1 
_ndb_struct_na_base_pair_step.i_label_comp_id_1 
_ndb_struct_na_base_pair_step.i_label_seq_id_1 
_ndb_struct_na_base_pair_step.i_symmetry_1 
_ndb_struct_na_base_pair_step.j_label_asym_id_1 
_ndb_struct_na_base_pair_step.j_label_comp_id_1 
_ndb_struct_na_base_pair_step.j_label_seq_id_1 
_ndb_struct_na_base_pair_step.j_symmetry_1 
_ndb_struct_na_base_pair_step.i_label_asym_id_2 
_ndb_struct_na_base_pair_step.i_label_comp_id_2 
_ndb_struct_na_base_pair_step.i_label_seq_id_2 
_ndb_struct_na_base_pair_step.i_symmetry_2 
_ndb_struct_na_base_pair_step.j_label_asym_id_2 
_ndb_struct_na_base_pair_step.j_label_comp_id_2 
_ndb_struct_na_base_pair_step.j_label_seq_id_2 
_ndb_struct_na_base_pair_step.j_symmetry_2 
_ndb_struct_na_base_pair_step.shift 
_ndb_struct_na_base_pair_step.slide 
_ndb_struct_na_base_pair_step.rise 
_ndb_struct_na_base_pair_step.tilt 
_ndb_struct_na_base_pair_step.roll 
_ndb_struct_na_base_pair_step.twist 
_ndb_struct_na_base_pair_step.x_displacement 
_ndb_struct_na_base_pair_step.y_displacement 
_ndb_struct_na_base_pair_step.helical_rise 
_ndb_struct_na_base_pair_step.inclination 
_ndb_struct_na_base_pair_step.tip 
_ndb_struct_na_base_pair_step.helical_twist 
_ndb_struct_na_base_pair_step.step_number 
_ndb_struct_na_base_pair_step.step_name 
_ndb_struct_na_base_pair_step.i_auth_asym_id_1 
_ndb_struct_na_base_pair_step.i_auth_seq_id_1 
_ndb_struct_na_base_pair_step.i_PDB_ins_code_1 
_ndb_struct_na_base_pair_step.j_auth_asym_id_1 
_ndb_struct_na_base_pair_step.j_auth_seq_id_1 
_ndb_struct_na_base_pair_step.j_PDB_ins_code_1 
_ndb_struct_na_base_pair_step.i_auth_asym_id_2 
_ndb_struct_na_base_pair_step.i_auth_seq_id_2 
_ndb_struct_na_base_pair_step.i_PDB_ins_code_2 
_ndb_struct_na_base_pair_step.j_auth_asym_id_2 
_ndb_struct_na_base_pair_step.j_auth_seq_id_2 
_ndb_struct_na_base_pair_step.j_PDB_ins_code_2 
1 A G   1 1_555 A C   6 7_555 A C   2 1_555 A LCG 5 7_555 -0.815 -1.980 3.209 -2.244 2.874  31.999 -4.064 1.084  3.072 5.192  
4.055   32.201 1 CC_G1C2:LCG5C6_CC C 1 ? C 6 ? C 2 ? C 5 ? 
1 A C   2 1_555 A LCG 5 7_555 A C   3 1_555 A U   4 7_555 0.328  -1.397 3.270 -6.182 12.073 28.792 -4.567 -1.631 2.388 22.752 
11.651  31.766 2 CC_C2C3:U4LCG5_CC C 2 ? C 5 ? C 3 ? C 4 ? 
1 A C   3 1_555 A U   4 7_555 A U   4 1_555 A C   3 7_555 0.000  -1.395 3.635 0.000  19.056 31.579 -4.822 0.000  2.432 31.668 
0.000   36.757 3 CC_C3U4:C3U4_CC   C 3 ? C 4 ? C 4 ? C 3 ? 
1 A U   4 1_555 A C   3 7_555 A LCG 5 1_555 A C   2 7_555 -0.328 -1.397 3.270 6.182  12.073 28.792 -4.567 1.631  2.388 22.752 
-11.651 31.766 4 CC_U4LCG5:C2C3_CC C 4 ? C 3 ? C 5 ? C 2 ? 
1 A LCG 5 1_555 A C   2 7_555 A C   6 1_555 A G   1 7_555 0.815  -1.980 3.209 2.244  2.874  31.999 -4.064 -1.084 3.072 5.192  
-4.055  32.201 5 CC_LCG5C6:G1C2_CC C 5 ? C 2 ? C 6 ? C 1 ? 
# 
_pdbx_audit_support.funding_organization   'National Science Centre' 
_pdbx_audit_support.country                Poland 
_pdbx_audit_support.grant_number           UMO-2011/01/B/NZ1/04429 
_pdbx_audit_support.ordinal                1 
# 
_pdbx_initial_refinement_model.id               1 
_pdbx_initial_refinement_model.entity_id_list   ? 
_pdbx_initial_refinement_model.type             'experimental model' 
_pdbx_initial_refinement_model.source_name      PDB 
_pdbx_initial_refinement_model.accession_code   3GLP 
_pdbx_initial_refinement_model.details          ? 
# 
_atom_sites.entry_id                    4XW1 
_atom_sites.fract_transf_matrix[1][1]   -0.03037080 
_atom_sites.fract_transf_matrix[1][2]   -0.01310007 
_atom_sites.fract_transf_matrix[1][3]   -0.01953948 
_atom_sites.fract_transf_matrix[2][1]   0.00404758 
_atom_sites.fract_transf_matrix[2][2]   -0.03434243 
_atom_sites.fract_transf_matrix[2][3]   0.01673330 
_atom_sites.fract_transf_matrix[3][1]   -0.00746075 
_atom_sites.fract_transf_matrix[3][2]   0.00359625 
_atom_sites.fract_transf_matrix[3][3]   0.00918540 
_atom_sites.fract_transf_vector[1]      0.293763 
_atom_sites.fract_transf_vector[2]      0.170787 
_atom_sites.fract_transf_vector[3]      0.059161 
# 
loop_
_atom_type.symbol 
C 
N 
O 
P 
# 
loop_
_atom_site.group_PDB 
_atom_site.id 
_atom_site.type_symbol 
_atom_site.label_atom_id 
_atom_site.label_alt_id 
_atom_site.label_comp_id 
_atom_site.label_asym_id 
_atom_site.label_entity_id 
_atom_site.label_seq_id 
_atom_site.pdbx_PDB_ins_code 
_atom_site.Cartn_x 
_atom_site.Cartn_y 
_atom_site.Cartn_z 
_atom_site.occupancy 
_atom_site.B_iso_or_equiv 
_atom_site.pdbx_formal_charge 
_atom_site.auth_seq_id 
_atom_site.auth_comp_id 
_atom_site.auth_asym_id 
_atom_site.auth_atom_id 
_atom_site.pdbx_PDB_model_num 
ATOM   1   O "O5'" . G   A 1 1 ? -9.546  -3.140  4.870  1.00 59.49 ? 1   G   C "O5'" 1 
ATOM   2   C "C5'" . G   A 1 1 ? -10.790 -2.907  4.224  1.00 54.83 ? 1   G   C "C5'" 1 
ATOM   3   C "C4'" . G   A 1 1 ? -11.358 -1.575  4.628  1.00 48.26 ? 1   G   C "C4'" 1 
ATOM   4   O "O4'" . G   A 1 1 ? -11.407 -1.519  6.066  1.00 44.13 ? 1   G   C "O4'" 1 
ATOM   5   C "C3'" . G   A 1 1 ? -10.529 -0.360  4.246  1.00 45.72 ? 1   G   C "C3'" 1 
ATOM   6   O "O3'" . G   A 1 1 ? -10.764 0.073   2.921  1.00 41.86 ? 1   G   C "O3'" 1 
ATOM   7   C "C2'" . G   A 1 1 ? -10.951 0.666   5.285  1.00 43.32 ? 1   G   C "C2'" 1 
ATOM   8   O "O2'" . G   A 1 1 ? -12.240 1.160   4.950  1.00 40.53 ? 1   G   C "O2'" 1 
ATOM   9   C "C1'" . G   A 1 1 ? -11.103 -0.216  6.514  1.00 43.65 ? 1   G   C "C1'" 1 
ATOM   10  N N9    . G   A 1 1 ? -9.886  -0.290  7.340  1.00 40.96 ? 1   G   C N9    1 
ATOM   11  C C8    . G   A 1 1 ? -9.119  -1.414  7.528  1.00 40.78 ? 1   G   C C8    1 
ATOM   12  N N7    . G   A 1 1 ? -8.105  -1.219  8.326  1.00 39.62 ? 1   G   C N7    1 
ATOM   13  C C5    . G   A 1 1 ? -8.226  0.115   8.708  1.00 39.73 ? 1   G   C C5    1 
ATOM   14  C C6    . G   A 1 1 ? -7.418  0.897   9.576  1.00 39.31 ? 1   G   C C6    1 
ATOM   15  O O6    . G   A 1 1 ? -6.399  0.538   10.185 1.00 38.28 ? 1   G   C O6    1 
ATOM   16  N N1    . G   A 1 1 ? -7.883  2.196   9.691  1.00 33.85 ? 1   G   C N1    1 
ATOM   17  C C2    . G   A 1 1 ? -8.979  2.681   9.033  1.00 40.12 ? 1   G   C C2    1 
ATOM   18  N N2    . G   A 1 1 ? -9.280  3.979   9.246  1.00 37.68 ? 1   G   C N2    1 
ATOM   19  N N3    . G   A 1 1 ? -9.741  1.962   8.218  1.00 40.09 ? 1   G   C N3    1 
ATOM   20  C C4    . G   A 1 1 ? -9.323  0.696   8.112  1.00 39.46 ? 1   G   C C4    1 
ATOM   21  P P     . C   A 1 2 ? -9.606  0.866   2.139  1.00 46.17 ? 2   C   C P     1 
ATOM   22  O OP1   . C   A 1 2 ? -10.131 1.112   0.786  1.00 47.31 ? 2   C   C OP1   1 
ATOM   23  O OP2   . C   A 1 2 ? -8.314  0.157   2.350  1.00 48.17 ? 2   C   C OP2   1 
ATOM   24  O "O5'" . C   A 1 2 ? -9.505  2.270   2.884  1.00 44.25 ? 2   C   C "O5'" 1 
ATOM   25  C "C5'" . C   A 1 2 ? -10.563 3.210   2.785  1.00 39.35 ? 2   C   C "C5'" 1 
ATOM   26  C "C4'" . C   A 1 2 ? -10.171 4.511   3.416  1.00 35.27 ? 2   C   C "C4'" 1 
ATOM   27  O "O4'" . C   A 1 2 ? -10.076 4.343   4.860  1.00 34.18 ? 2   C   C "O4'" 1 
ATOM   28  C "C3'" . C   A 1 2 ? -8.793  5.043   3.021  1.00 36.77 ? 2   C   C "C3'" 1 
ATOM   29  O "O3'" . C   A 1 2 ? -8.794  5.695   1.765  1.00 33.46 ? 2   C   C "O3'" 1 
ATOM   30  C "C2'" . C   A 1 2 ? -8.481  5.968   4.183  1.00 38.95 ? 2   C   C "C2'" 1 
ATOM   31  O "O2'" . C   A 1 2 ? -9.271  7.138   4.080  1.00 41.19 ? 2   C   C "O2'" 1 
ATOM   32  C "C1'" . C   A 1 2 ? -9.030  5.152   5.359  1.00 40.26 ? 2   C   C "C1'" 1 
ATOM   33  N N1    . C   A 1 2 ? -7.989  4.279   5.952  1.00 36.62 ? 2   C   C N1    1 
ATOM   34  C C2    . C   A 1 2 ? -7.086  4.844   6.856  1.00 35.84 ? 2   C   C C2    1 
ATOM   35  O O2    . C   A 1 2 ? -7.176  6.043   7.139  1.00 36.65 ? 2   C   C O2    1 
ATOM   36  N N3    . C   A 1 2 ? -6.129  4.088   7.420  1.00 35.83 ? 2   C   C N3    1 
ATOM   37  C C4    . C   A 1 2 ? -6.031  2.797   7.104  1.00 37.32 ? 2   C   C C4    1 
ATOM   38  N N4    . C   A 1 2 ? -5.046  2.097   7.693  1.00 34.92 ? 2   C   C N4    1 
ATOM   39  C C5    . C   A 1 2 ? -6.926  2.188   6.169  1.00 36.25 ? 2   C   C C5    1 
ATOM   40  C C6    . C   A 1 2 ? -7.878  2.960   5.616  1.00 36.87 ? 2   C   C C6    1 
ATOM   41  P P     . C   A 1 3 ? -7.459  5.870   0.891  1.00 41.28 ? 3   C   C P     1 
ATOM   42  O OP1   . C   A 1 3 ? -7.864  6.647   -0.298 1.00 46.40 ? 3   C   C OP1   1 
ATOM   43  O OP2   . C   A 1 3 ? -6.768  4.568   0.688  1.00 45.44 ? 3   C   C OP2   1 
ATOM   44  O "O5'" . C   A 1 3 ? -6.457  6.737   1.771  1.00 31.96 ? 3   C   C "O5'" 1 
ATOM   45  C "C5'" . C   A 1 3 ? -6.706  8.102   2.035  1.00 42.50 ? 3   C   C "C5'" 1 
ATOM   46  C "C4'" . C   A 1 3 ? -5.599  8.683   2.869  1.00 39.96 ? 3   C   C "C4'" 1 
ATOM   47  O "O4'" . C   A 1 3 ? -5.577  8.090   4.192  1.00 39.41 ? 3   C   C "O4'" 1 
ATOM   48  C "C3'" . C   A 1 3 ? -4.191  8.456   2.359  1.00 37.39 ? 3   C   C "C3'" 1 
ATOM   49  O "O3'" . C   A 1 3 ? -3.895  9.350   1.321  1.00 37.09 ? 3   C   C "O3'" 1 
ATOM   50  C "C2'" . C   A 1 3 ? -3.365  8.706   3.614  1.00 34.58 ? 3   C   C "C2'" 1 
ATOM   51  O "O2'" . C   A 1 3 ? -3.346  10.094  3.917  1.00 28.36 ? 3   C   C "O2'" 1 
ATOM   52  C "C1'" . C   A 1 3 ? -4.242  8.042   4.668  1.00 34.42 ? 3   C   C "C1'" 1 
ATOM   53  N N1    . C   A 1 3 ? -3.862  6.631   4.908  1.00 31.93 ? 3   C   C N1    1 
ATOM   54  C C2    . C   A 1 3 ? -2.744  6.370   5.696  1.00 34.92 ? 3   C   C C2    1 
ATOM   55  O O2    . C   A 1 3 ? -2.111  7.324   6.157  1.00 37.02 ? 3   C   C O2    1 
ATOM   56  N N3    . C   A 1 3 ? -2.353  5.092   5.932  1.00 38.35 ? 3   C   C N3    1 
ATOM   57  C C4    . C   A 1 3 ? -3.047  4.075   5.421  1.00 37.81 ? 3   C   C C4    1 
ATOM   58  N N4    . C   A 1 3 ? -2.621  2.840   5.707  1.00 32.24 ? 3   C   C N4    1 
ATOM   59  C C5    . C   A 1 3 ? -4.197  4.312   4.598  1.00 35.06 ? 3   C   C C5    1 
ATOM   60  C C6    . C   A 1 3 ? -4.561  5.583   4.364  1.00 34.05 ? 3   C   C C6    1 
ATOM   61  P P     . U   A 1 4 ? -3.235  8.871   -0.042 1.00 37.05 ? 4   U   C P     1 
ATOM   62  O OP1   . U   A 1 4 ? -3.554  10.030  -0.938 1.00 34.54 ? 4   U   C OP1   1 
ATOM   63  O OP2   . U   A 1 4 ? -3.546  7.466   -0.430 1.00 40.47 ? 4   U   C OP2   1 
ATOM   64  O "O5'" . U   A 1 4 ? -1.674  8.877   0.286  1.00 37.72 ? 4   U   C "O5'" 1 
ATOM   65  C "C5'" . U   A 1 4 ? -1.021  10.060  0.717  1.00 33.83 ? 4   U   C "C5'" 1 
ATOM   66  C "C4'" . U   A 1 4 ? 0.344   9.753   1.276  1.00 34.31 ? 4   U   C "C4'" 1 
ATOM   67  O "O4'" . U   A 1 4 ? 0.208   9.046   2.540  1.00 39.31 ? 4   U   C "O4'" 1 
ATOM   68  C "C3'" . U   A 1 4 ? 1.227   8.849   0.439  1.00 33.39 ? 4   U   C "C3'" 1 
ATOM   69  O "O3'" . U   A 1 4 ? 1.882   9.534   -0.613 1.00 34.30 ? 4   U   C "O3'" 1 
ATOM   70  C "C2'" . U   A 1 4 ? 2.193   8.273   1.467  1.00 34.47 ? 4   U   C "C2'" 1 
ATOM   71  O "O2'" . U   A 1 4 ? 3.285   9.149   1.694  1.00 31.79 ? 4   U   C "O2'" 1 
ATOM   72  C "C1'" . U   A 1 4 ? 1.314   8.193   2.733  1.00 35.41 ? 4   U   C "C1'" 1 
ATOM   73  N N1    . U   A 1 4 ? 0.805   6.818   2.939  1.00 32.24 ? 4   U   C N1    1 
ATOM   74  C C2    . U   A 1 4 ? 1.629   5.885   3.556  1.00 37.42 ? 4   U   C C2    1 
ATOM   75  O O2    . U   A 1 4 ? 2.753   6.157   3.968  1.00 42.53 ? 4   U   C O2    1 
ATOM   76  N N3    . U   A 1 4 ? 1.099   4.624   3.692  1.00 33.33 ? 4   U   C N3    1 
ATOM   77  C C4    . U   A 1 4 ? -0.121  4.204   3.246  1.00 36.39 ? 4   U   C C4    1 
ATOM   78  O O4    . U   A 1 4 ? -0.456  3.033   3.422  1.00 34.76 ? 4   U   C O4    1 
ATOM   79  C C5    . U   A 1 4 ? -0.897  5.228   2.608  1.00 40.68 ? 4   U   C C5    1 
ATOM   80  C C6    . U   A 1 4 ? -0.429  6.468   2.466  1.00 34.43 ? 4   U   C C6    1 
HETATM 81  P P     . LCG A 1 5 ? 1.647   9.062   -2.123 1.00 38.46 ? 5   LCG C P     1 
HETATM 82  O OP1   . LCG A 1 5 ? 2.151   10.410  -2.993 1.00 54.21 ? 5   LCG C OP1   1 
HETATM 83  O "O5'" . LCG A 1 5 ? 2.656   7.844   -2.421 1.00 43.83 ? 5   LCG C "O5'" 1 
HETATM 84  C "C5'" . LCG A 1 5 ? 3.991   8.266   -2.491 1.00 40.32 ? 5   LCG C "C5'" 1 
HETATM 85  C "C3'" . LCG A 1 5 ? 4.826   5.742   -2.178 1.00 31.03 ? 5   LCG C "C3'" 1 
HETATM 86  C "C6'" . LCG A 1 5 ? 6.337   7.373   -1.708 1.00 33.17 ? 5   LCG C "C6'" 1 
HETATM 87  N N9    . LCG A 1 5 ? 3.812   5.001   0.478  1.00 39.46 ? 5   LCG C N9    1 
HETATM 88  C C8    . LCG A 1 5 ? 2.537   5.052   0.050  1.00 36.43 ? 5   LCG C C8    1 
HETATM 89  C C4    . LCG A 1 5 ? 3.970   3.842   1.150  1.00 38.61 ? 5   LCG C C4    1 
HETATM 90  N N7    . LCG A 1 5 ? 1.902   3.950   0.455  1.00 32.43 ? 5   LCG C N7    1 
HETATM 91  C C5    . LCG A 1 5 ? 2.751   3.177   1.142  1.00 36.17 ? 5   LCG C C5    1 
HETATM 92  C C6    . LCG A 1 5 ? 2.633   1.859   1.813  1.00 33.34 ? 5   LCG C C6    1 
HETATM 93  C "C2'" . LCG A 1 5 ? 5.685   5.398   -0.899 1.00 32.47 ? 5   LCG C "C2'" 1 
HETATM 94  O O6    . LCG A 1 5 ? 1.559   1.225   1.823  1.00 32.49 ? 5   LCG C O6    1 
HETATM 95  C "C4'" . LCG A 1 5 ? 4.781   7.271   -1.699 1.00 37.97 ? 5   LCG C "C4'" 1 
HETATM 96  C "C1'" . LCG A 1 5 ? 4.883   5.977   0.207  1.00 34.20 ? 5   LCG C "C1'" 1 
HETATM 97  C C2    . LCG A 1 5 ? 4.971   1.988   2.477  1.00 30.66 ? 5   LCG C C2    1 
HETATM 98  N N1    . LCG A 1 5 ? 3.759   1.299   2.455  1.00 34.20 ? 5   LCG C N1    1 
HETATM 99  O "O4'" . LCG A 1 5 ? 4.373   7.165   -0.392 1.00 36.34 ? 5   LCG C "O4'" 1 
HETATM 100 O OP2   . LCG A 1 5 ? 0.107   8.556   -2.614 1.00 44.25 ? 5   LCG C OP2   1 
HETATM 101 N N2    . LCG A 1 5 ? 6.119   1.400   3.138  1.00 46.60 ? 5   LCG C N2    1 
HETATM 102 N N3    . LCG A 1 5 ? 5.095   3.248   1.833  1.00 37.67 ? 5   LCG C N3    1 
HETATM 103 O "O2'" . LCG A 1 5 ? 6.758   6.228   -1.047 1.00 30.06 ? 5   LCG C "O2'" 1 
HETATM 104 O "O3'" . LCG A 1 5 ? 5.597   5.690   -3.349 1.00 32.55 ? 5   LCG C "O3'" 1 
ATOM   105 P P     . C   A 1 6 ? 5.472   4.487   -4.394 1.00 34.58 ? 6   C   C P     1 
ATOM   106 O OP1   . C   A 1 6 ? 6.108   4.924   -5.654 1.00 42.03 ? 6   C   C OP1   1 
ATOM   107 O OP2   . C   A 1 6 ? 4.081   3.992   -4.435 1.00 35.84 ? 6   C   C OP2   1 
ATOM   108 O "O5'" . C   A 1 6 ? 6.294   3.311   -3.691 1.00 38.61 ? 6   C   C "O5'" 1 
ATOM   109 C "C5'" . C   A 1 6 ? 7.604   3.516   -3.174 1.00 36.39 ? 6   C   C "C5'" 1 
ATOM   110 C "C4'" . C   A 1 6 ? 8.045   2.350   -2.319 1.00 32.98 ? 6   C   C "C4'" 1 
ATOM   111 O "O4'" . C   A 1 6 ? 7.215   2.291   -1.134 1.00 32.08 ? 6   C   C "O4'" 1 
ATOM   112 C "C3'" . C   A 1 6 ? 7.899   0.964   -2.937 1.00 34.04 ? 6   C   C "C3'" 1 
ATOM   113 O "O3'" . C   A 1 6 ? 8.946   0.607   -3.823 1.00 31.45 ? 6   C   C "O3'" 1 
ATOM   114 C "C2'" . C   A 1 6 ? 7.807   0.064   -1.708 1.00 34.25 ? 6   C   C "C2'" 1 
ATOM   115 O "O2'" . C   A 1 6 ? 9.084   -0.192  -1.149 1.00 34.51 ? 6   C   C "O2'" 1 
ATOM   116 C "C1'" . C   A 1 6 ? 7.012   0.947   -0.748 1.00 33.58 ? 6   C   C "C1'" 1 
ATOM   117 N N1    . C   A 1 6 ? 5.569   0.636   -0.849 1.00 33.28 ? 6   C   C N1    1 
ATOM   118 C C2    . C   A 1 6 ? 5.104   -0.516  -0.211 1.00 34.26 ? 6   C   C C2    1 
ATOM   119 O O2    . C   A 1 6 ? 5.932   -1.165  0.449  1.00 35.11 ? 6   C   C O2    1 
ATOM   120 N N3    . C   A 1 6 ? 3.793   -0.880  -0.310 1.00 37.57 ? 6   C   C N3    1 
ATOM   121 C C4    . C   A 1 6 ? 2.948   -0.115  -1.020 1.00 40.71 ? 6   C   C C4    1 
ATOM   122 N N4    . C   A 1 6 ? 1.655   -0.448  -1.104 1.00 34.11 ? 6   C   C N4    1 
ATOM   123 C C5    . C   A 1 6 ? 3.421   1.052   -1.695 1.00 40.18 ? 6   C   C C5    1 
ATOM   124 C C6    . C   A 1 6 ? 4.723   1.391   -1.603 1.00 34.58 ? 6   C   C C6    1 
ATOM   125 P P     . C   A 1 7 ? 8.623   -0.283  -5.125 1.00 32.69 ? 7   C   C P     1 
ATOM   126 O OP1   . C   A 1 7 ? 9.870   -0.382  -5.916 1.00 33.34 ? 7   C   C OP1   1 
ATOM   127 O OP2   . C   A 1 7 ? 7.450   0.289   -5.836 1.00 35.82 ? 7   C   C OP2   1 
ATOM   128 O "O5'" . C   A 1 7 ? 8.056   -1.673  -4.552 1.00 38.21 ? 7   C   C "O5'" 1 
ATOM   129 C "C5'" . C   A 1 7 ? 8.896   -2.648  -3.975 1.00 38.28 ? 7   C   C "C5'" 1 
ATOM   130 C "C4'" . C   A 1 7 ? 8.174   -3.655  -3.095 1.00 41.96 ? 7   C   C "C4'" 1 
ATOM   131 O "O4'" . C   A 1 7 ? 7.101   -3.059  -2.315 1.00 44.27 ? 7   C   C "O4'" 1 
ATOM   132 C "C3'" . C   A 1 7 ? 7.495   -4.859  -3.727 1.00 35.42 ? 7   C   C "C3'" 1 
ATOM   133 O "O3'" . C   A 1 7 ? 8.390   -5.834  -4.234 1.00 35.85 ? 7   C   C "O3'" 1 
ATOM   134 C "C2'" . C   A 1 7 ? 6.707   -5.393  -2.536 1.00 35.78 ? 7   C   C "C2'" 1 
ATOM   135 O "O2'" . C   A 1 7 ? 7.588   -6.021  -1.623 1.00 35.68 ? 7   C   C "O2'" 1 
ATOM   136 C "C1'" . C   A 1 7 ? 6.224   -4.093  -1.890 1.00 40.11 ? 7   C   C "C1'" 1 
ATOM   137 N N1    . C   A 1 7 ? 4.821   -3.793  -2.265 1.00 38.06 ? 7   C   C N1    1 
ATOM   138 C C2    . C   A 1 7 ? 3.833   -4.635  -1.752 1.00 41.75 ? 7   C   C C2    1 
ATOM   139 O O2    . C   A 1 7 ? 4.194   -5.554  -1.004 1.00 36.45 ? 7   C   C O2    1 
ATOM   140 N N3    . C   A 1 7 ? 2.523   -4.424  -2.068 1.00 44.38 ? 7   C   C N3    1 
ATOM   141 C C4    . C   A 1 7 ? 2.194   -3.409  -2.873 1.00 42.11 ? 7   C   C C4    1 
ATOM   142 N N4    . C   A 1 7 ? 0.915   -3.204  -3.189 1.00 36.58 ? 7   C   C N4    1 
ATOM   143 C C5    . C   A 1 7 ? 3.187   -2.546  -3.403 1.00 38.40 ? 7   C   C C5    1 
ATOM   144 C C6    . C   A 1 7 ? 4.472   -2.774  -3.092 1.00 37.73 ? 7   C   C C6    1 
ATOM   145 P P     . U   A 1 8 ? 7.902   -6.916  -5.340 1.00 39.39 ? 8   U   C P     1 
ATOM   146 O OP1   . U   A 1 8 ? 9.058   -7.799  -5.672 1.00 39.95 ? 8   U   C OP1   1 
ATOM   147 O OP2   . U   A 1 8 ? 7.077   -6.183  -6.355 1.00 39.96 ? 8   U   C OP2   1 
ATOM   148 O "O5'" . U   A 1 8 ? 6.822   -7.837  -4.627 1.00 40.60 ? 8   U   C "O5'" 1 
ATOM   149 C "C5'" . U   A 1 8 ? 7.172   -8.668  -3.539 1.00 41.84 ? 8   U   C "C5'" 1 
ATOM   150 C "C4'" . U   A 1 8 ? 5.981   -9.464  -3.112 1.00 38.82 ? 8   U   C "C4'" 1 
ATOM   151 O "O4'" . U   A 1 8 ? 4.922   -8.575  -2.678 1.00 38.52 ? 8   U   C "O4'" 1 
ATOM   152 C "C3'" . U   A 1 8 ? 5.340   -10.281 -4.211 1.00 39.82 ? 8   U   C "C3'" 1 
ATOM   153 O "O3'" . U   A 1 8 ? 6.024   -11.492 -4.410 1.00 40.42 ? 8   U   C "O3'" 1 
ATOM   154 C "C2'" . U   A 1 8 ? 3.925   -10.485 -3.697 1.00 40.35 ? 8   U   C "C2'" 1 
ATOM   155 O "O2'" . U   A 1 8 ? 3.914   -11.543 -2.751 1.00 41.51 ? 8   U   C "O2'" 1 
ATOM   156 C "C1'" . U   A 1 8 ? 3.671   -9.170  -2.952 1.00 43.28 ? 8   U   C "C1'" 1 
ATOM   157 N N1    . U   A 1 8 ? 2.832   -8.211  -3.705 1.00 47.93 ? 8   U   C N1    1 
ATOM   158 C C2    . U   A 1 8 ? 1.463   -8.378  -3.556 1.00 49.28 ? 8   U   C C2    1 
ATOM   159 O O2    . U   A 1 8 ? 0.994   -9.286  -2.880 1.00 48.23 ? 8   U   C O2    1 
ATOM   160 N N3    . U   A 1 8 ? 0.690   -7.464  -4.244 1.00 49.77 ? 8   U   C N3    1 
ATOM   161 C C4    . U   A 1 8 ? 1.140   -6.416  -5.043 1.00 51.09 ? 8   U   C C4    1 
ATOM   162 O O4    . U   A 1 8 ? 0.311   -5.671  -5.590 1.00 55.55 ? 8   U   C O4    1 
ATOM   163 C C5    . U   A 1 8 ? 2.571   -6.305  -5.132 1.00 49.20 ? 8   U   C C5    1 
ATOM   164 C C6    . U   A 1 8 ? 3.352   -7.190  -4.480 1.00 49.09 ? 8   U   C C6    1 
ATOM   165 P P     . G   A 1 9 ? 5.986   -12.194 -5.838 1.00 42.59 ? 9   G   C P     1 
ATOM   166 O OP1   . G   A 1 9 ? 7.091   -13.193 -5.856 1.00 51.03 ? 9   G   C OP1   1 
ATOM   167 O OP2   . G   A 1 9 ? 5.884   -11.212 -6.951 1.00 46.85 ? 9   G   C OP2   1 
ATOM   168 O "O5'" . G   A 1 9 ? 4.579   -12.923 -5.835 1.00 47.06 ? 9   G   C "O5'" 1 
ATOM   169 C "C5'" . G   A 1 9 ? 4.295   -13.972 -4.932 1.00 42.81 ? 9   G   C "C5'" 1 
ATOM   170 C "C4'" . G   A 1 9 ? 2.894   -14.418 -5.167 1.00 43.66 ? 9   G   C "C4'" 1 
ATOM   171 O "O4'" . G   A 1 9 ? 2.034   -13.350 -4.743 1.00 50.47 ? 9   G   C "O4'" 1 
ATOM   172 C "C3'" . G   A 1 9 ? 2.541   -14.616 -6.629 1.00 50.27 ? 9   G   C "C3'" 1 
ATOM   173 O "O3'" . G   A 1 9 ? 2.841   -15.919 -7.077 1.00 53.72 ? 9   G   C "O3'" 1 
ATOM   174 C "C2'" . G   A 1 9 ? 1.062   -14.337 -6.660 1.00 53.80 ? 9   G   C "C2'" 1 
ATOM   175 O "O2'" . G   A 1 9 ? 0.377   -15.484 -6.174 1.00 60.84 ? 9   G   C "O2'" 1 
ATOM   176 C "C1'" . G   A 1 9 ? 0.937   -13.243 -5.606 1.00 54.12 ? 9   G   C "C1'" 1 
ATOM   177 N N9    . G   A 1 9 ? 0.870   -11.868 -6.148 1.00 55.52 ? 9   G   C N9    1 
ATOM   178 C C8    . G   A 1 9 ? 1.866   -10.961 -6.467 1.00 50.81 ? 9   G   C C8    1 
ATOM   179 N N7    . G   A 1 9 ? 1.380   -9.813  -6.889 1.00 45.20 ? 9   G   C N7    1 
ATOM   180 C C5    . G   A 1 9 ? -0.012  -9.973  -6.826 1.00 46.84 ? 9   G   C C5    1 
ATOM   181 C C6    . G   A 1 9 ? -1.092  -9.100  -7.155 1.00 42.01 ? 9   G   C C6    1 
ATOM   182 O O6    . G   A 1 9 ? -1.031  -7.940  -7.570 1.00 41.32 ? 9   G   C O6    1 
ATOM   183 N N1    . G   A 1 9 ? -2.337  -9.694  -6.938 1.00 42.80 ? 9   G   C N1    1 
ATOM   184 C C2    . G   A 1 9 ? -2.524  -10.967 -6.458 1.00 43.60 ? 9   G   C C2    1 
ATOM   185 N N2    . G   A 1 9 ? -3.775  -11.392 -6.318 1.00 44.30 ? 9   G   C N2    1 
ATOM   186 N N3    . G   A 1 9 ? -1.547  -11.795 -6.152 1.00 43.73 ? 9   G   C N3    1 
ATOM   187 C C4    . G   A 1 9 ? -0.332  -11.232 -6.361 1.00 51.83 ? 9   G   C C4    1 
HETATM 188 O O     . HOH B 2 . ? -0.842  0.686   0.832  1.00 43.77 ? 101 HOH C O     1 
HETATM 189 O O     . HOH B 2 . ? -1.657  9.310   8.016  1.00 24.72 ? 102 HOH C O     1 
HETATM 190 O O     . HOH B 2 . ? -3.640  0.138   4.856  1.00 36.75 ? 103 HOH C O     1 
HETATM 191 O O     . HOH B 2 . ? -2.058  -14.446 -4.661 1.00 49.18 ? 104 HOH C O     1 
HETATM 192 O O     . HOH B 2 . ? 0.014   1.533   -2.850 1.00 41.69 ? 105 HOH C O     1 
HETATM 193 O O     . HOH B 2 . ? 9.267   -1.637  1.727  0.50 37.64 ? 106 HOH C O     1 
HETATM 194 O O     . HOH B 2 . ? 4.748   -0.141  -5.495 1.00 43.88 ? 107 HOH C O     1 
HETATM 195 O O     . HOH B 2 . ? -6.101  2.020   2.090  1.00 38.54 ? 108 HOH C O     1 
# 
loop_
_atom_site_anisotrop.id 
_atom_site_anisotrop.type_symbol 
_atom_site_anisotrop.pdbx_label_atom_id 
_atom_site_anisotrop.pdbx_label_alt_id 
_atom_site_anisotrop.pdbx_label_comp_id 
_atom_site_anisotrop.pdbx_label_asym_id 
_atom_site_anisotrop.pdbx_label_seq_id 
_atom_site_anisotrop.pdbx_PDB_ins_code 
_atom_site_anisotrop.U[1][1] 
_atom_site_anisotrop.U[2][2] 
_atom_site_anisotrop.U[3][3] 
_atom_site_anisotrop.U[1][2] 
_atom_site_anisotrop.U[1][3] 
_atom_site_anisotrop.U[2][3] 
_atom_site_anisotrop.pdbx_auth_seq_id 
_atom_site_anisotrop.pdbx_auth_comp_id 
_atom_site_anisotrop.pdbx_auth_asym_id 
_atom_site_anisotrop.pdbx_auth_atom_id 
1   O "O5'" . G   A 1 ? 0.6975 0.7325 0.8302 -0.0564 -0.0294 -0.0301 1 G   C "O5'" 
2   C "C5'" . G   A 1 ? 0.6309 0.6817 0.7706 -0.0559 -0.0303 -0.0376 1 G   C "C5'" 
3   C "C4'" . G   A 1 ? 0.5507 0.6079 0.6751 -0.0547 -0.0249 -0.0289 1 G   C "C4'" 
4   O "O4'" . G   A 1 ? 0.5038 0.5471 0.6256 -0.0610 -0.0192 -0.0148 1 G   C "O4'" 
5   C "C3'" . G   A 1 ? 0.5246 0.5864 0.6262 -0.0470 -0.0237 -0.0259 1 G   C "C3'" 
6   O "O3'" . G   A 1 ? 0.4708 0.5498 0.5699 -0.0403 -0.0274 -0.0371 1 G   C "O3'" 
7   C "C2'" . G   A 1 ? 0.4994 0.5586 0.5880 -0.0492 -0.0168 -0.0123 1 G   C "C2'" 
8   O "O2'" . G   A 1 ? 0.4582 0.5316 0.5501 -0.0494 -0.0158 -0.0156 1 G   C "O2'" 
9   C "C1'" . G   A 1 ? 0.5050 0.5482 0.6052 -0.0579 -0.0144 -0.0046 1 G   C "C1'" 
10  N N9    . G   A 1 ? 0.4795 0.5063 0.5704 -0.0587 -0.0124 0.0052  1 G   C N9    
11  C C8    . G   A 1 ? 0.4782 0.4923 0.5790 -0.0613 -0.0152 0.0036  1 G   C C8    
12  N N7    . G   A 1 ? 0.4719 0.4723 0.5611 -0.0616 -0.0126 0.0139  1 G   C N7    
13  C C5    . G   A 1 ? 0.4782 0.4824 0.5487 -0.0592 -0.0076 0.0229  1 G   C C5    
14  C C6    . G   A 1 ? 0.4825 0.4766 0.5347 -0.0583 -0.0030 0.0358  1 G   C C6    
15  O O6    . G   A 1 ? 0.4754 0.4549 0.5241 -0.0596 -0.0024 0.0420  1 G   C O6    
16  N N1    . G   A 1 ? 0.4155 0.4179 0.4527 -0.0557 0.0011  0.0415  1 G   C N1    
17  C C2    . G   A 1 ? 0.4888 0.5074 0.5284 -0.0540 0.0008  0.0353  1 G   C C2    
18  N N2    . G   A 1 ? 0.4611 0.4861 0.4845 -0.0513 0.0051  0.0421  1 G   C N2    
19  N N3    . G   A 1 ? 0.4793 0.5076 0.5362 -0.0547 -0.0035 0.0232  1 G   C N3    
20  C C4    . G   A 1 ? 0.4692 0.4894 0.5408 -0.0573 -0.0074 0.0177  1 G   C C4    
21  P P     . C   A 2 ? 0.5301 0.6136 0.6105 -0.0315 -0.0291 -0.0390 2 C   C P     
22  O OP1   . C   A 2 ? 0.5374 0.6396 0.6204 -0.0260 -0.0331 -0.0517 2 C   C OP1   
23  O OP2   . C   A 2 ? 0.5601 0.6295 0.6406 -0.0314 -0.0311 -0.0377 2 C   C OP2   
24  O "O5'" . C   A 2 ? 0.5133 0.5956 0.5724 -0.0299 -0.0228 -0.0255 2 C   C "O5'" 
25  C "C5'" . C   A 2 ? 0.4487 0.5435 0.5028 -0.0291 -0.0199 -0.0243 2 C   C "C5'" 
26  C "C4'" . C   A 2 ? 0.4052 0.4975 0.4374 -0.0266 -0.0146 -0.0119 2 C   C "C4'" 
27  O "O4'" . C   A 2 ? 0.3972 0.4731 0.4286 -0.0332 -0.0097 0.0010  2 C   C "O4'" 
28  C "C3'" . C   A 2 ? 0.4306 0.5206 0.4459 -0.0197 -0.0158 -0.0107 2 C   C "C3'" 
29  O "O3'" . C   A 2 ? 0.3856 0.4919 0.3938 -0.0122 -0.0188 -0.0196 2 C   C "O3'" 
30  C "C2'" . C   A 2 ? 0.4670 0.5475 0.4654 -0.0210 -0.0095 0.0047  2 C   C "C2'" 
31  O "O2'" . C   A 2 ? 0.4946 0.5872 0.4832 -0.0187 -0.0063 0.0074  2 C   C "O2'" 
32  C "C1'" . C   A 2 ? 0.4833 0.5514 0.4951 -0.0301 -0.0067 0.0112  2 C   C "C1'" 
33  N N1    . C   A 2 ? 0.4417 0.4926 0.4568 -0.0329 -0.0075 0.0148  2 C   C N1    
34  C C2    . C   A 2 ? 0.4414 0.4799 0.4406 -0.0328 -0.0035 0.0273  2 C   C C2    
35  O O2    . C   A 2 ? 0.4557 0.4980 0.4387 -0.0303 0.0006  0.0349  2 C   C O2    
36  N N3    . C   A 2 ? 0.4457 0.4685 0.4473 -0.0353 -0.0040 0.0312  2 C   C N3    
37  C C4    . C   A 2 ? 0.4599 0.4790 0.4792 -0.0379 -0.0085 0.0230  2 C   C C4    
38  N N4    . C   A 2 ? 0.4342 0.4374 0.4551 -0.0403 -0.0089 0.0273  2 C   C N4    
39  C C5    . C   A 2 ? 0.4368 0.4681 0.4726 -0.0381 -0.0128 0.0099  2 C   C C5    
40  C C6    . C   A 2 ? 0.4402 0.4872 0.4733 -0.0355 -0.0121 0.0062  2 C   C C6    
41  P P     . C   A 3 ? 0.4878 0.5955 0.4851 -0.0044 -0.0227 -0.0244 3 C   C P     
42  O OP1   . C   A 3 ? 0.5482 0.6750 0.5398 0.0023  -0.0248 -0.0327 3 C   C OP1   
43  O OP2   . C   A 3 ? 0.5391 0.6380 0.5495 -0.0060 -0.0272 -0.0308 3 C   C OP2   
44  O "O5'" . C   A 3 ? 0.3803 0.4767 0.3572 -0.0030 -0.0180 -0.0104 3 C   C "O5'" 
45  C "C5'" . C   A 3 ? 0.5175 0.6196 0.4775 -0.0004 -0.0136 -0.0024 3 C   C "C5'" 
46  C "C4'" . C   A 3 ? 0.4956 0.5844 0.4381 0.0007  -0.0100 0.0099  3 C   C "C4'" 
47  O "O4'" . C   A 3 ? 0.4924 0.5644 0.4406 -0.0069 -0.0066 0.0195  3 C   C "O4'" 
48  C "C3'" . C   A 3 ? 0.4668 0.5510 0.4030 0.0056  -0.0135 0.0070  3 C   C "C3'" 
49  O "O3'" . C   A 3 ? 0.4627 0.5603 0.3864 0.0137  -0.0154 0.0021  3 C   C "O3'" 
50  C "C2'" . C   A 3 ? 0.4407 0.5076 0.3655 0.0029  -0.0090 0.0212  3 C   C "C2'" 
51  O "O2'" . C   A 3 ? 0.3672 0.4376 0.2729 0.0062  -0.0046 0.0301  3 C   C "O2'" 
52  C "C1'" . C   A 3 ? 0.4371 0.4953 0.3755 -0.0059 -0.0060 0.0263  3 C   C "C1'" 
53  N N1    . C   A 3 ? 0.4042 0.4505 0.3584 -0.0105 -0.0089 0.0231  3 C   C N1    
54  C C2    . C   A 3 ? 0.4496 0.4793 0.3980 -0.0120 -0.0075 0.0313  3 C   C C2    
55  O O2    . C   A 3 ? 0.4837 0.5092 0.4138 -0.0094 -0.0040 0.0409  3 C   C O2    
56  N N3    . C   A 3 ? 0.4920 0.5104 0.4546 -0.0162 -0.0101 0.0287  3 C   C N3    
57  C C4    . C   A 3 ? 0.4770 0.5002 0.4594 -0.0190 -0.0139 0.0182  3 C   C C4    
58  N N4    . C   A 3 ? 0.4059 0.4172 0.4018 -0.0233 -0.0162 0.0163  3 C   C N4    
59  C C5    . C   A 3 ? 0.4344 0.4746 0.4232 -0.0175 -0.0154 0.0094  3 C   C C5    
60  C C6    . C   A 3 ? 0.4226 0.4740 0.3971 -0.0133 -0.0128 0.0121  3 C   C C6    
61  P P     . U   A 4 ? 0.4582 0.5637 0.3855 0.0197  -0.0220 -0.0113 4 U   C P     
62  O OP1   . U   A 4 ? 0.4245 0.5475 0.3403 0.0265  -0.0223 -0.0147 4 U   C OP1   
63  O OP2   . U   A 4 ? 0.4946 0.5994 0.4437 0.0162  -0.0266 -0.0219 4 U   C OP2   
64  O "O5'" . U   A 4 ? 0.4752 0.5673 0.3907 0.0222  -0.0220 -0.0051 4 U   C "O5'" 
65  C "C5'" . U   A 4 ? 0.4340 0.5232 0.3283 0.0257  -0.0182 0.0056  4 U   C "C5'" 
66  C "C4'" . U   A 4 ? 0.4476 0.5206 0.3353 0.0257  -0.0180 0.0120  4 U   C "C4'" 
67  O "O4'" . U   A 4 ? 0.5136 0.5705 0.4096 0.0176  -0.0150 0.0200  4 U   C "O4'" 
68  C "C3'" . U   A 4 ? 0.4341 0.5061 0.3287 0.0286  -0.0238 0.0020  4 U   C "C3'" 
69  O "O3'" . U   A 4 ? 0.4460 0.5287 0.3284 0.0370  -0.0265 -0.0031 4 U   C "O3'" 
70  C "C2'" . U   A 4 ? 0.4546 0.5067 0.3484 0.0247  -0.0222 0.0107  4 U   C "C2'" 
71  O "O2'" . U   A 4 ? 0.4290 0.4760 0.3029 0.0292  -0.0202 0.0191  4 U   C "O2'" 
72  C "C1'" . U   A 4 ? 0.4675 0.5111 0.3666 0.0167  -0.0172 0.0202  4 U   C "C1'" 
73  N N1    . U   A 4 ? 0.4220 0.4599 0.3430 0.0102  -0.0193 0.0148  4 U   C N1    
74  C C2    . U   A 4 ? 0.4913 0.5127 0.4178 0.0065  -0.0200 0.0179  4 U   C C2    
75  O O2    . U   A 4 ? 0.5635 0.5747 0.4776 0.0084  -0.0187 0.0252  4 U   C O2    
76  N N3    . U   A 4 ? 0.4340 0.4511 0.3812 0.0006  -0.0221 0.0125  4 U   C N3    
77  C C4    . U   A 4 ? 0.4642 0.4918 0.4268 -0.0018 -0.0239 0.0041  4 U   C C4    
78  O O4    . U   A 4 ? 0.4393 0.4614 0.4201 -0.0072 -0.0258 -0.0001 4 U   C O4    
79  C C5    . U   A 4 ? 0.5153 0.5597 0.4706 0.0023  -0.0230 0.0012  4 U   C C5    
80  C C6    . U   A 4 ? 0.4413 0.4903 0.3765 0.0081  -0.0209 0.0064  4 U   C C6    
81  P P     . LCG A 5 ? 0.4900 0.5884 0.3828 0.0417  -0.0329 -0.0195 5 LCG C P     
82  O OP1   . LCG A 5 ? 0.6918 0.8034 0.5645 0.0510  -0.0332 -0.0199 5 LCG C OP1   
83  O "O5'" . LCG A 5 ? 0.5581 0.6473 0.4602 0.0417  -0.0377 -0.0260 5 LCG C "O5'" 
84  C "C5'" . LCG A 5 ? 0.5204 0.6042 0.4074 0.0467  -0.0379 -0.0218 5 LCG C "C5'" 
85  C "C3'" . LCG A 5 ? 0.4007 0.4632 0.3149 0.0395  -0.0435 -0.0293 5 LCG C "C3'" 
86  C "C6'" . LCG A 5 ? 0.4412 0.4972 0.3220 0.0463  -0.0390 -0.0141 5 LCG C "C6'" 
87  N N9    . LCG A 5 ? 0.5118 0.5480 0.4394 0.0228  -0.0349 -0.0102 5 LCG C N9    
88  C C8    . LCG A 5 ? 0.4662 0.5151 0.4028 0.0217  -0.0353 -0.0165 5 LCG C C8    
89  C C4    . LCG A 5 ? 0.5013 0.5234 0.4424 0.0165  -0.0354 -0.0090 5 LCG C C4    
90  N N7    . LCG A 5 ? 0.4112 0.4543 0.3668 0.0148  -0.0361 -0.0191 5 LCG C N7    
91  C C5    . LCG A 5 ? 0.4630 0.4894 0.4220 0.0114  -0.0362 -0.0146 5 LCG C C5    
92  C C6    . LCG A 5 ? 0.4255 0.4389 0.4024 0.0040  -0.0370 -0.0146 5 LCG C C6    
93  C "C2'" . LCG A 5 ? 0.4271 0.4685 0.3380 0.0348  -0.0404 -0.0173 5 LCG C "C2'" 
94  O O6    . LCG A 5 ? 0.4080 0.4249 0.4015 -0.0008 -0.0377 -0.0195 5 LCG C O6    
95  C "C4'" . LCG A 5 ? 0.4947 0.5599 0.3880 0.0420  -0.0381 -0.0177 5 LCG C "C4'" 
96  C "C1'" . LCG A 5 ? 0.4517 0.4889 0.3587 0.0297  -0.0344 -0.0060 5 LCG C "C1'" 
97  C C2    . LCG A 5 ? 0.4052 0.3973 0.3625 0.0073  -0.0360 -0.0032 5 LCG C C2    
98  N N1    . LCG A 5 ? 0.4424 0.4391 0.4180 0.0022  -0.0369 -0.0089 5 LCG C N1    
99  O "O4'" . LCG A 5 ? 0.4775 0.5303 0.3731 0.0349  -0.0333 -0.0071 5 LCG C "O4'" 
100 O OP2   . LCG A 5 ? 0.5530 0.6639 0.4642 0.0384  -0.0347 -0.0295 5 LCG C OP2   
101 N N2    . LCG A 5 ? 0.6132 0.5882 0.5692 0.0053  -0.0360 0.0026  5 LCG C N2    
102 N N3    . LCG A 5 ? 0.4956 0.5002 0.4356 0.0144  -0.0353 -0.0032 5 LCG C N3    
103 O "O2'" . LCG A 5 ? 0.4032 0.4436 0.2953 0.0408  -0.0396 -0.0126 5 LCG C "O2'" 
104 O "O3'" . LCG A 5 ? 0.4185 0.4888 0.3295 0.0465  -0.0483 -0.0388 5 LCG C "O3'" 
105 P P     . C   A 6 ? 0.4358 0.5125 0.3654 0.0472  -0.0549 -0.0545 6 C   C P     
106 O OP1   . C   A 6 ? 0.5288 0.6181 0.4499 0.0559  -0.0589 -0.0627 6 C   C OP1   
107 O OP2   . C   A 6 ? 0.4440 0.5273 0.3905 0.0424  -0.0554 -0.0601 6 C   C OP2   
108 O "O5'" . C   A 6 ? 0.4901 0.5480 0.4288 0.0425  -0.0559 -0.0520 6 C   C "O5'" 
109 C "C5'" . C   A 6 ? 0.4705 0.5157 0.3963 0.0440  -0.0545 -0.0435 6 C   C "C5'" 
110 C "C4'" . C   A 6 ? 0.4297 0.4566 0.3669 0.0378  -0.0547 -0.0402 6 C   C "C4'" 
111 O "O4'" . C   A 6 ? 0.4193 0.4380 0.3616 0.0300  -0.0499 -0.0311 6 C   C "O4'" 
112 C "C3'" . C   A 6 ? 0.4358 0.4635 0.3939 0.0359  -0.0602 -0.0531 6 C   C "C3'" 
113 O "O3'" . C   A 6 ? 0.4029 0.4322 0.3597 0.0415  -0.0651 -0.0609 6 C   C "O3'" 
114 C "C2'" . C   A 6 ? 0.4406 0.4507 0.4100 0.0273  -0.0580 -0.0459 6 C   C "C2'" 
115 O "O2'" . C   A 6 ? 0.4512 0.4459 0.4141 0.0272  -0.0576 -0.0393 6 C   C "O2'" 
116 C "C1'" . C   A 6 ? 0.4350 0.4441 0.3967 0.0236  -0.0517 -0.0343 6 C   C "C1'" 
117 N N1    . C   A 6 ? 0.4235 0.4409 0.4000 0.0195  -0.0518 -0.0396 6 C   C N1    
118 C C2    . C   A 6 ? 0.4331 0.4408 0.4280 0.0117  -0.0522 -0.0399 6 C   C C2    
119 O O2    . C   A 6 ? 0.4484 0.4403 0.4453 0.0089  -0.0521 -0.0350 6 C   C O2    
120 N N3    . C   A 6 ? 0.4676 0.4827 0.4772 0.0078  -0.0525 -0.0451 6 C   C N3    
121 C C4    . C   A 6 ? 0.5030 0.5349 0.5091 0.0112  -0.0525 -0.0499 6 C   C C4    
122 N N4    . C   A 6 ? 0.4122 0.4515 0.4325 0.0073  -0.0528 -0.0548 6 C   C N4    
123 C C5    . C   A 6 ? 0.4990 0.5412 0.4865 0.0191  -0.0523 -0.0498 6 C   C C5    
124 C C6    . C   A 6 ? 0.4353 0.4701 0.4085 0.0230  -0.0521 -0.0448 6 C   C C6    
125 P P     . C   A 7 ? 0.4092 0.4505 0.3823 0.0439  -0.0718 -0.0783 7 C   C P     
126 O OP1   . C   A 7 ? 0.4193 0.4614 0.3860 0.0505  -0.0758 -0.0837 7 C   C OP1   
127 O OP2   . C   A 7 ? 0.4423 0.5017 0.4170 0.0459  -0.0721 -0.0846 7 C   C OP2   
128 O "O5'" . C   A 7 ? 0.4750 0.5062 0.4708 0.0356  -0.0730 -0.0808 7 C   C "O5'" 
129 C "C5'" . C   A 7 ? 0.4791 0.4938 0.4816 0.0321  -0.0740 -0.0785 7 C   C "C5'" 
130 C "C4'" . C   A 7 ? 0.5232 0.5273 0.5438 0.0230  -0.0729 -0.0763 7 C   C "C4'" 
131 O "O4'" . C   A 7 ? 0.5525 0.5578 0.5715 0.0186  -0.0678 -0.0681 7 C   C "O4'" 
132 C "C3'" . C   A 7 ? 0.4311 0.4402 0.4745 0.0205  -0.0780 -0.0896 7 C   C "C3'" 
133 O "O3'" . C   A 7 ? 0.4354 0.4397 0.4869 0.0222  -0.0831 -0.0975 7 C   C "O3'" 
134 C "C2'" . C   A 7 ? 0.4355 0.4336 0.4905 0.0113  -0.0746 -0.0823 7 C   C "C2'" 
135 O "O2'" . C   A 7 ? 0.4399 0.4194 0.4963 0.0074  -0.0735 -0.0747 7 C   C "O2'" 
136 C "C1'" . C   A 7 ? 0.4947 0.4954 0.5341 0.0112  -0.0684 -0.0707 7 C   C "C1'" 
137 N N1    . C   A 7 ? 0.4617 0.4767 0.5076 0.0102  -0.0680 -0.0756 7 C   C N1    
138 C C2    . C   A 7 ? 0.5035 0.5149 0.5678 0.0027  -0.0677 -0.0766 7 C   C C2    
139 O O2    . C   A 7 ? 0.4383 0.4346 0.5121 -0.0027 -0.0677 -0.0730 7 C   C O2    
140 N N3    . C   A 7 ? 0.5303 0.5543 0.6016 0.0015  -0.0674 -0.0811 7 C   C N3    
141 C C4    . C   A 7 ? 0.4998 0.5398 0.5602 0.0074  -0.0674 -0.0847 7 C   C C4    
142 N N4    . C   A 7 ? 0.4233 0.4759 0.4907 0.0062  -0.0672 -0.0892 7 C   C N4    
143 C C5    . C   A 7 ? 0.4578 0.5019 0.4995 0.0150  -0.0677 -0.0837 7 C   C C5    
144 C C6    . C   A 7 ? 0.4556 0.4872 0.4908 0.0162  -0.0680 -0.0793 7 C   C C6    
145 P P     . U   A 8 ? 0.4703 0.4842 0.5422 0.0228  -0.0897 -0.1146 8 U   C P     
146 O OP1   . U   A 8 ? 0.4786 0.4846 0.5551 0.0246  -0.0940 -0.1199 8 U   C OP1   
147 O OP2   . U   A 8 ? 0.4718 0.5059 0.5404 0.0276  -0.0909 -0.1224 8 U   C OP2   
148 O "O5'" . U   A 8 ? 0.4810 0.4888 0.5730 0.0138  -0.0889 -0.1142 8 U   C "O5'" 
149 C "C5'" . U   A 8 ? 0.5000 0.4894 0.6001 0.0071  -0.0874 -0.1070 8 U   C "C5'" 
150 C "C4'" . U   A 8 ? 0.4557 0.4436 0.5755 -0.0004 -0.0873 -0.1088 8 U   C "C4'" 
151 O "O4'" . U   A 8 ? 0.4517 0.4459 0.5658 -0.0025 -0.0826 -0.1023 8 U   C "O4'" 
152 C "C3'" . U   A 8 ? 0.4586 0.4582 0.5964 0.0004  -0.0932 -0.1249 8 U   C "C3'" 
153 O "O3'" . U   A 8 ? 0.4647 0.4560 0.6154 -0.0005 -0.0978 -0.1315 8 U   C "O3'" 
154 C "C2'" . U   A 8 ? 0.4603 0.4620 0.6109 -0.0062 -0.0910 -0.1234 8 U   C "C2'" 
155 O "O2'" . U   A 8 ? 0.4754 0.4613 0.6403 -0.0140 -0.0905 -0.1191 8 U   C "O2'" 
156 C "C1'" . U   A 8 ? 0.5033 0.5053 0.6357 -0.0063 -0.0844 -0.1102 8 U   C "C1'" 
157 N N1    . U   A 8 ? 0.5584 0.5788 0.6839 -0.0020 -0.0840 -0.1146 8 U   C N1    
158 C C2    . U   A 8 ? 0.5693 0.5958 0.7073 -0.0068 -0.0830 -0.1165 8 U   C C2    
159 O O2    . U   A 8 ? 0.5539 0.5710 0.7075 -0.0140 -0.0827 -0.1150 8 U   C O2    
160 N N3    . U   A 8 ? 0.5720 0.6155 0.7034 -0.0027 -0.0825 -0.1203 8 U   C N3    
161 C C4    . U   A 8 ? 0.5908 0.6456 0.7048 0.0054  -0.0828 -0.1222 8 U   C C4    
162 O O4    . U   A 8 ? 0.6436 0.7134 0.7537 0.0081  -0.0822 -0.1255 8 U   C O4    
163 C C5    . U   A 8 ? 0.5733 0.6209 0.6752 0.0098  -0.0838 -0.1198 8 U   C C5    
164 C C6    . U   A 8 ? 0.5754 0.6064 0.6834 0.0061  -0.0843 -0.1163 8 U   C C6    
165 P P     . G   A 9 ? 0.4839 0.4875 0.6468 0.0040  -0.1051 -0.1492 9 G   C P     
166 O OP1   . G   A 9 ? 0.5925 0.5844 0.7622 0.0039  -0.1087 -0.1523 9 G   C OP1   
167 O OP2   . G   A 9 ? 0.5358 0.5577 0.6866 0.0119  -0.1063 -0.1556 9 G   C OP2   
168 O "O5'" . G   A 9 ? 0.5318 0.5402 0.7160 -0.0020 -0.1063 -0.1554 9 G   C "O5'" 
169 C "C5'" . G   A 9 ? 0.4770 0.4716 0.6777 -0.0102 -0.1058 -0.1520 9 G   C "C5'" 
170 C "C4'" . G   A 9 ? 0.4790 0.4826 0.6972 -0.0142 -0.1072 -0.1590 9 G   C "C4'" 
171 O "O4'" . G   A 9 ? 0.5666 0.5764 0.7747 -0.0151 -0.1019 -0.1512 9 G   C "O4'" 
172 C "C3'" . G   A 9 ? 0.5546 0.5754 0.7801 -0.0088 -0.1129 -0.1754 9 G   C "C3'" 
173 O "O3'" . G   A 9 ? 0.5936 0.6106 0.8368 -0.0098 -0.1187 -0.1858 9 G   C "O3'" 
174 C "C2'" . G   A 9 ? 0.5934 0.6250 0.8258 -0.0118 -0.1114 -0.1770 9 G   C "C2'" 
175 O "O2'" . G   A 9 ? 0.6776 0.7022 0.9317 -0.0194 -0.1125 -0.1790 9 G   C "O2'" 
176 C "C1'" . G   A 9 ? 0.6046 0.6312 0.8204 -0.0136 -0.1041 -0.1613 9 G   C "C1'" 
177 N N9    . G   A 9 ? 0.6242 0.6644 0.8208 -0.0070 -0.1021 -0.1601 9 G   C N9    
178 C C8    . G   A 9 ? 0.5706 0.6130 0.7469 -0.0001 -0.1013 -0.1571 9 G   C C8    
179 N N7    . G   A 9 ? 0.4991 0.5552 0.6628 0.0041  -0.0993 -0.1565 9 G   C N7    
180 C C5    . G   A 9 ? 0.5134 0.5765 0.6897 -0.0003 -0.0987 -0.1592 9 G   C C5    
181 C C6    . G   A 9 ? 0.4487 0.5267 0.6207 0.0011  -0.0968 -0.1601 9 G   C C6    
182 O O6    . G   A 9 ? 0.4421 0.5304 0.5974 0.0068  -0.0951 -0.1584 9 G   C O6    
183 N N1    . G   A 9 ? 0.4521 0.5323 0.6418 -0.0050 -0.0968 -0.1632 9 G   C N1    
184 C C2    . G   A 9 ? 0.4593 0.5287 0.6685 -0.0117 -0.0986 -0.1650 9 G   C C2    
185 N N2    . G   A 9 ? 0.4617 0.5351 0.6864 -0.0170 -0.0985 -0.1679 9 G   C N2    
186 N N3    . G   A 9 ? 0.4641 0.5197 0.6777 -0.0132 -0.1004 -0.1642 9 G   C N3    
187 C C4    . G   A 9 ? 0.5731 0.6265 0.7697 -0.0072 -0.1003 -0.1614 9 G   C C4    
# 
